data_7DAW
#
_entry.id   7DAW
#
_cell.length_a   267.000
_cell.length_b   298.910
_cell.length_c   65.936
_cell.angle_alpha   90.000
_cell.angle_beta   90.000
_cell.angle_gamma   90.000
#
_symmetry.space_group_name_H-M   'C 2 2 21'
#
loop_
_entity.id
_entity.type
_entity.pdbx_description
1 polymer 'Phenylalanine--tRNA ligase alpha subunit'
2 polymer 'Phenylalanine--tRNA ligase beta subunit'
3 non-polymer 'SULFATE ION'
#
loop_
_entity_poly.entity_id
_entity_poly.type
_entity_poly.pdbx_seq_one_letter_code
_entity_poly.pdbx_strand_id
1 'polypeptide(L)'
;MLSPEALTTAVDAAQQAIALADTLDVLARVKTEHLGDRSPLALARQALAVLPKEQRAEAGKRVNAARNAAQRSYDERLAT
LRAERDAAVLVAEGIDVTLPSTRVPAGARHPIIMLAEHVADTFIAMGWELAEGPEVETEQFNFDALNFPADHPARGEQDT
FYIAPEDSRQLLRTHTSPVQIRTLLARELPVYIISIGRTFRTDELDATHTPIFHQVEGLAVDRGLSMAHLRGTLDAFARA
EFGPSARTRIRPHFFPFTEPSAEVDVWFANKIGGAAWVEWGGCGMVHPNVLRATGIDPDLYSGFAFGMGLERTLQFRNGI
PDMRDMVEGDVRFSLPFGVGA
;
A
2 'polypeptide(L)'
;MRLPYSWLREVVAVGASGWDVTPGELEQTLLRIGHEVEEVIPLGPVDGPVTVGRVADIEELTGYKKPIRACAVDIGDRQY
REIICGATNFAVGDLVVVALPGATLPGGFTISARKAYGRNSDGMICSAAELNLGADHSGILVLPPGAAEPGADGAGVLGL
DDVVFHLAITPDRGYCMSVRGLARELACAYDLDFVDPASNSRVPPLPIEGPAWPLTVQPETGVRRFALRPVIGIDPAAVS
PWWLQRRLLLCGIRATCPAVDVTNYVMLELGHPMHAHDRNRISGTLGVRFARSGETAVTLDGIERKLDTADVLIVDDAAT
AAIGGVMGAASTEVRADSTDVLLEAAIWDPAAVSRTQRRLHLPSEAARRYERTVDPAISVAALDRCARLLADIAGGEVSP
TLTDWRGDPPCDDWSPPPIRMGVDVPDRIAGVAYPQGTTARRLAQIGAVVTHDGDTLTVTPPSWRPDLRQPADLVEEVLR
LEGLEVIPSVLPPAPAGRGLTAGQQRRRTIGRSLALSGYVEILPTPFLPAGVFDLWGLEADDSRRMTTRVLNPLEADRPQ
LATTLLPALLEALVRNVSRGLVDVALFAIAQVVQPTEQTRGVGLIPVDRRPTDDEIAMLDASLPRQPQHVAAVLAGLREP
RGPWGPGRPVEAADAFEAVRIIARASRVDVTLRPAQYLPWHPGRCAQVFVGESSVGHAGQLHPAVIERSGLPKGTCAVEL
NLDAIPCSAPLPAPRVSPYPAVFQDVSLVVAADIPAQAVADAVRAGAGDLLEDIALFDVFTGPQIGEHRKSLTFALRFRA
PDRTLTEDDASAARDAAVQSAAERVGAVLRGWKLAAALEHHHHHH
;
B
#
loop_
_chem_comp.id
_chem_comp.type
_chem_comp.name
_chem_comp.formula
SO4 non-polymer 'SULFATE ION' 'O4 S -2'
#
# COMPACT_ATOMS: atom_id res chain seq x y z
N ASP A 75 -73.46 -23.97 44.12
CA ASP A 75 -72.79 -23.94 42.83
C ASP A 75 -72.28 -22.52 42.62
N GLU A 76 -72.54 -21.66 43.62
CA GLU A 76 -72.04 -20.29 43.62
C GLU A 76 -70.52 -20.25 43.68
N ARG A 77 -69.91 -21.29 44.24
CA ARG A 77 -68.47 -21.35 44.39
C ARG A 77 -67.91 -22.71 43.99
N LEU A 78 -68.62 -23.44 43.12
CA LEU A 78 -68.05 -24.67 42.56
C LEU A 78 -67.00 -24.36 41.52
N ALA A 79 -67.25 -23.36 40.68
CA ALA A 79 -66.30 -22.99 39.64
C ALA A 79 -65.38 -21.84 40.05
N THR A 80 -65.57 -21.24 41.23
CA THR A 80 -64.62 -20.20 41.65
C THR A 80 -63.33 -20.78 42.23
N LEU A 81 -63.39 -21.97 42.84
CA LEU A 81 -62.18 -22.68 43.22
C LEU A 81 -61.74 -23.67 42.15
N ARG A 82 -62.70 -24.20 41.37
CA ARG A 82 -62.38 -24.88 40.12
C ARG A 82 -61.58 -23.97 39.19
N ALA A 83 -61.71 -22.66 39.35
CA ALA A 83 -60.87 -21.70 38.63
C ALA A 83 -59.46 -21.70 39.22
N GLU A 84 -59.33 -21.31 40.49
CA GLU A 84 -58.01 -21.24 41.14
C GLU A 84 -57.33 -22.60 41.24
N ARG A 85 -58.07 -23.70 41.08
CA ARG A 85 -57.42 -24.99 40.85
C ARG A 85 -56.68 -24.98 39.52
N ASP A 86 -57.37 -24.62 38.45
CA ASP A 86 -56.76 -24.57 37.13
C ASP A 86 -55.63 -23.54 37.05
N ALA A 87 -55.73 -22.43 37.81
CA ALA A 87 -54.78 -21.35 37.63
C ALA A 87 -53.45 -21.61 38.34
N ALA A 88 -53.44 -22.42 39.40
CA ALA A 88 -52.19 -22.79 40.05
C ALA A 88 -51.59 -24.06 39.45
N VAL A 89 -52.35 -24.77 38.61
CA VAL A 89 -51.75 -25.72 37.68
C VAL A 89 -50.86 -24.99 36.68
N LEU A 90 -51.35 -23.85 36.16
CA LEU A 90 -50.56 -23.06 35.22
C LEU A 90 -49.30 -22.49 35.84
N VAL A 91 -49.27 -22.27 37.15
CA VAL A 91 -48.02 -21.79 37.74
C VAL A 91 -47.12 -22.96 38.07
N ALA A 92 -47.70 -24.15 38.25
CA ALA A 92 -46.90 -25.34 38.47
C ALA A 92 -46.05 -25.68 37.25
N GLU A 93 -46.54 -25.34 36.06
CA GLU A 93 -45.76 -25.53 34.85
C GLU A 93 -45.06 -24.24 34.41
N GLY A 94 -44.76 -23.36 35.33
CA GLY A 94 -43.99 -22.19 35.00
C GLY A 94 -42.57 -22.54 34.60
N ILE A 95 -41.90 -21.56 33.99
CA ILE A 95 -40.55 -21.76 33.48
C ILE A 95 -39.78 -20.45 33.63
N ASP A 96 -38.48 -20.62 33.78
CA ASP A 96 -37.51 -19.52 33.88
C ASP A 96 -37.30 -18.94 32.49
N VAL A 97 -38.08 -17.92 32.12
CA VAL A 97 -37.93 -17.35 30.79
C VAL A 97 -36.57 -16.72 30.53
N THR A 98 -35.68 -16.64 31.51
CA THR A 98 -34.40 -16.01 31.21
C THR A 98 -33.34 -17.00 30.74
N LEU A 99 -33.69 -18.29 30.67
CA LEU A 99 -32.73 -19.31 30.23
C LEU A 99 -32.21 -18.98 28.83
N PRO A 100 -30.97 -19.37 28.54
CA PRO A 100 -30.47 -19.20 27.18
C PRO A 100 -31.26 -20.09 26.23
N SER A 101 -31.49 -19.59 25.02
CA SER A 101 -32.25 -20.33 24.03
C SER A 101 -31.49 -20.59 22.74
N THR A 102 -30.31 -20.01 22.57
CA THR A 102 -29.64 -20.04 21.27
C THR A 102 -28.82 -21.33 21.18
N ARG A 103 -29.38 -22.33 20.48
CA ARG A 103 -28.72 -23.60 20.21
C ARG A 103 -27.99 -23.61 18.88
N VAL A 104 -28.20 -22.60 18.05
CA VAL A 104 -27.42 -22.38 16.84
C VAL A 104 -26.75 -21.01 16.97
N PRO A 105 -25.65 -20.91 17.71
CA PRO A 105 -24.91 -19.64 17.83
C PRO A 105 -24.79 -18.87 16.53
N ALA A 106 -25.00 -17.55 16.57
CA ALA A 106 -24.82 -16.69 15.41
C ALA A 106 -23.35 -16.55 15.05
N GLY A 107 -23.09 -16.45 13.75
CA GLY A 107 -21.76 -16.21 13.22
C GLY A 107 -21.58 -14.75 12.85
N ALA A 108 -20.67 -14.49 11.92
CA ALA A 108 -20.45 -13.11 11.52
C ALA A 108 -19.76 -13.07 10.17
N ARG A 109 -20.30 -12.28 9.27
CA ARG A 109 -19.53 -11.86 8.11
C ARG A 109 -18.40 -10.96 8.58
N HIS A 110 -17.26 -11.03 7.90
CA HIS A 110 -16.12 -10.26 8.36
C HIS A 110 -16.40 -8.76 8.25
N PRO A 111 -15.84 -7.96 9.17
CA PRO A 111 -16.16 -6.52 9.19
C PRO A 111 -15.69 -5.76 7.97
N ILE A 112 -14.56 -6.16 7.37
CA ILE A 112 -14.11 -5.50 6.16
C ILE A 112 -15.12 -5.71 5.04
N ILE A 113 -15.61 -6.96 4.89
CA ILE A 113 -16.58 -7.27 3.85
C ILE A 113 -17.85 -6.44 4.04
N MET A 114 -18.30 -6.26 5.30
CA MET A 114 -19.46 -5.43 5.54
C MET A 114 -19.16 -3.95 5.30
N LEU A 115 -17.93 -3.52 5.54
CA LEU A 115 -17.57 -2.17 5.16
C LEU A 115 -17.63 -2.01 3.64
N ALA A 116 -16.99 -2.94 2.93
CA ALA A 116 -17.12 -3.03 1.48
C ALA A 116 -18.58 -3.09 1.05
N GLU A 117 -19.39 -3.90 1.75
CA GLU A 117 -20.81 -3.96 1.41
C GLU A 117 -21.43 -2.57 1.51
N HIS A 118 -21.23 -1.89 2.64
CA HIS A 118 -21.86 -0.59 2.81
C HIS A 118 -21.32 0.45 1.83
N VAL A 119 -20.02 0.40 1.51
CA VAL A 119 -19.50 1.29 0.48
C VAL A 119 -20.16 1.00 -0.86
N ALA A 120 -20.16 -0.27 -1.28
CA ALA A 120 -20.78 -0.64 -2.56
C ALA A 120 -22.20 -0.08 -2.69
N ASP A 121 -23.04 -0.32 -1.66
CA ASP A 121 -24.43 0.13 -1.71
C ASP A 121 -24.51 1.64 -1.82
N THR A 122 -23.59 2.35 -1.15
CA THR A 122 -23.54 3.81 -1.24
C THR A 122 -23.36 4.27 -2.68
N PHE A 123 -22.49 3.60 -3.44
CA PHE A 123 -22.25 4.01 -4.82
C PHE A 123 -23.28 3.44 -5.78
N ILE A 124 -23.78 2.24 -5.53
CA ILE A 124 -24.91 1.74 -6.31
C ILE A 124 -26.05 2.76 -6.25
N ALA A 125 -26.33 3.26 -5.04
CA ALA A 125 -27.45 4.18 -4.84
C ALA A 125 -27.26 5.51 -5.58
N MET A 126 -26.09 5.75 -6.14
CA MET A 126 -25.81 6.96 -6.89
C MET A 126 -25.71 6.67 -8.38
N GLY A 127 -26.00 5.44 -8.80
CA GLY A 127 -26.00 5.09 -10.21
C GLY A 127 -24.73 4.43 -10.70
N TRP A 128 -23.82 4.07 -9.81
CA TRP A 128 -22.56 3.47 -10.20
C TRP A 128 -22.74 1.96 -10.29
N GLU A 129 -21.72 1.29 -10.82
CA GLU A 129 -21.72 -0.16 -10.88
C GLU A 129 -20.39 -0.66 -10.35
N LEU A 130 -20.36 -1.92 -9.92
CA LEU A 130 -19.12 -2.54 -9.44
C LEU A 130 -18.51 -3.47 -10.47
N ALA A 131 -17.19 -3.42 -10.59
CA ALA A 131 -16.43 -4.30 -11.46
C ALA A 131 -15.42 -5.08 -10.62
N GLU A 132 -15.13 -6.31 -11.07
CA GLU A 132 -14.16 -7.18 -10.42
C GLU A 132 -13.15 -7.67 -11.46
N GLY A 133 -12.06 -8.24 -10.98
CA GLY A 133 -11.02 -8.72 -11.85
C GLY A 133 -9.99 -9.55 -11.11
N PRO A 134 -9.01 -10.07 -11.84
CA PRO A 134 -8.02 -10.94 -11.20
C PRO A 134 -7.12 -10.16 -10.25
N GLU A 135 -6.65 -10.88 -9.22
CA GLU A 135 -5.65 -10.35 -8.30
C GLU A 135 -4.24 -10.54 -8.84
N VAL A 136 -3.99 -11.67 -9.51
CA VAL A 136 -2.77 -11.86 -10.27
C VAL A 136 -3.04 -11.26 -11.64
N GLU A 137 -2.23 -10.30 -12.04
CA GLU A 137 -2.65 -9.39 -13.09
C GLU A 137 -1.45 -9.00 -13.94
N THR A 138 -1.69 -8.85 -15.24
CA THR A 138 -0.62 -8.46 -16.16
C THR A 138 0.00 -7.13 -15.76
N GLU A 139 1.32 -7.01 -15.95
CA GLU A 139 1.96 -5.72 -15.73
C GLU A 139 1.45 -4.70 -16.73
N GLN A 140 0.95 -5.16 -17.87
CA GLN A 140 0.33 -4.29 -18.85
C GLN A 140 -0.74 -3.41 -18.23
N PHE A 141 -1.58 -4.00 -17.39
CA PHE A 141 -2.76 -3.36 -16.84
C PHE A 141 -2.53 -2.74 -15.45
N ASN A 142 -1.56 -3.26 -14.69
CA ASN A 142 -1.27 -2.68 -13.39
C ASN A 142 -0.52 -1.36 -13.52
N PHE A 143 0.45 -1.29 -14.44
CA PHE A 143 1.39 -0.18 -14.48
C PHE A 143 1.34 0.59 -15.80
N ASP A 144 1.68 -0.08 -16.90
CA ASP A 144 1.87 0.60 -18.18
C ASP A 144 0.62 1.33 -18.61
N ALA A 145 -0.55 0.69 -18.50
CA ALA A 145 -1.81 1.33 -18.83
C ALA A 145 -2.17 2.44 -17.84
N LEU A 146 -1.60 2.40 -16.62
CA LEU A 146 -1.84 3.41 -15.60
C LEU A 146 -0.74 4.45 -15.51
N ASN A 147 0.14 4.52 -16.51
CA ASN A 147 1.06 5.64 -16.73
C ASN A 147 2.22 5.63 -15.74
N PHE A 148 2.58 4.46 -15.25
CA PHE A 148 3.83 4.31 -14.52
C PHE A 148 4.97 4.21 -15.52
N PRO A 149 6.02 5.03 -15.40
CA PRO A 149 7.16 4.90 -16.30
C PRO A 149 7.76 3.50 -16.26
N ALA A 150 8.60 3.20 -17.27
CA ALA A 150 9.14 1.85 -17.39
C ALA A 150 10.15 1.52 -16.29
N ASP A 151 10.85 2.53 -15.74
CA ASP A 151 11.60 2.26 -14.51
C ASP A 151 11.10 3.09 -13.35
N HIS A 152 9.79 2.92 -12.95
CA HIS A 152 9.24 3.59 -11.77
C HIS A 152 9.62 2.82 -10.50
N PRO A 153 9.92 3.52 -9.39
CA PRO A 153 10.28 2.81 -8.15
C PRO A 153 9.31 1.72 -7.71
N ALA A 154 8.00 1.94 -7.85
CA ALA A 154 7.04 0.94 -7.39
C ALA A 154 7.21 -0.39 -8.12
N ARG A 155 7.77 -0.39 -9.33
CA ARG A 155 7.95 -1.59 -10.13
C ARG A 155 9.16 -2.43 -9.72
N GLY A 156 9.85 -2.11 -8.61
CA GLY A 156 10.91 -2.96 -8.12
C GLY A 156 10.41 -3.93 -7.05
N GLU A 157 11.22 -4.96 -6.77
CA GLU A 157 10.89 -5.99 -5.79
C GLU A 157 10.78 -5.44 -4.37
N GLN A 158 10.92 -4.11 -4.20
CA GLN A 158 10.71 -3.51 -2.90
C GLN A 158 9.23 -3.35 -2.57
N ASP A 159 8.45 -2.80 -3.52
CA ASP A 159 7.09 -2.30 -3.26
C ASP A 159 5.97 -3.20 -3.78
N THR A 160 6.29 -4.21 -4.62
CA THR A 160 5.29 -4.95 -5.38
C THR A 160 5.63 -6.44 -5.37
N PHE A 161 4.62 -7.27 -5.16
CA PHE A 161 4.84 -8.71 -5.26
C PHE A 161 4.91 -9.14 -6.73
N TYR A 162 5.97 -9.83 -7.11
CA TYR A 162 6.14 -10.30 -8.48
C TYR A 162 6.07 -11.81 -8.57
N ILE A 163 5.51 -12.27 -9.68
CA ILE A 163 5.37 -13.69 -9.97
C ILE A 163 6.64 -14.19 -10.65
N ALA A 164 7.19 -15.28 -10.12
CA ALA A 164 8.34 -15.92 -10.75
C ALA A 164 7.93 -16.44 -12.13
N PRO A 165 8.88 -16.45 -13.10
CA PRO A 165 10.28 -16.06 -12.90
C PRO A 165 10.59 -14.60 -13.29
N GLU A 166 11.81 -14.14 -12.97
CA GLU A 166 12.18 -12.74 -13.17
C GLU A 166 11.88 -12.30 -14.59
N ASP A 167 11.21 -11.15 -14.71
CA ASP A 167 10.76 -10.60 -15.98
C ASP A 167 9.80 -11.56 -16.67
N SER A 168 8.69 -11.81 -15.98
CA SER A 168 7.54 -12.53 -16.52
C SER A 168 6.29 -11.66 -16.57
N ARG A 169 6.44 -10.36 -16.32
CA ARG A 169 5.41 -9.34 -16.47
C ARG A 169 4.08 -9.78 -15.86
N GLN A 170 4.18 -10.26 -14.63
CA GLN A 170 3.08 -10.83 -13.88
C GLN A 170 3.33 -10.48 -12.41
N LEU A 171 2.28 -10.14 -11.68
CA LEU A 171 2.43 -9.66 -10.31
C LEU A 171 1.11 -9.76 -9.57
N LEU A 172 1.17 -9.62 -8.25
CA LEU A 172 -0.02 -9.39 -7.45
C LEU A 172 -0.35 -7.91 -7.53
N ARG A 173 -1.59 -7.60 -7.89
CA ARG A 173 -1.91 -6.20 -8.17
C ARG A 173 -1.77 -5.37 -6.91
N THR A 174 -1.27 -4.15 -7.08
CA THR A 174 -0.99 -3.27 -5.95
C THR A 174 -2.09 -2.24 -5.74
N HIS A 175 -3.15 -2.30 -6.54
CA HIS A 175 -4.32 -1.46 -6.41
C HIS A 175 -5.36 -2.03 -7.37
N THR A 176 -6.64 -1.66 -7.18
CA THR A 176 -7.65 -2.24 -8.07
C THR A 176 -7.81 -1.48 -9.37
N SER A 177 -7.05 -0.41 -9.62
CA SER A 177 -7.19 0.36 -10.87
C SER A 177 -7.19 -0.51 -12.13
N PRO A 178 -6.35 -1.54 -12.28
CA PRO A 178 -6.43 -2.32 -13.53
C PRO A 178 -7.85 -2.77 -13.84
N VAL A 179 -8.61 -3.18 -12.82
CA VAL A 179 -10.00 -3.55 -13.04
C VAL A 179 -10.76 -2.44 -13.74
N GLN A 180 -10.41 -1.20 -13.47
CA GLN A 180 -11.09 -0.10 -14.15
C GLN A 180 -10.61 0.08 -15.58
N ILE A 181 -9.34 -0.19 -15.83
CA ILE A 181 -8.86 -0.22 -17.22
C ILE A 181 -9.61 -1.28 -18.01
N ARG A 182 -9.57 -2.53 -17.52
CA ARG A 182 -10.36 -3.61 -18.10
C ARG A 182 -11.80 -3.17 -18.35
N THR A 183 -12.40 -2.48 -17.38
CA THR A 183 -13.77 -1.99 -17.53
C THR A 183 -13.87 -0.95 -18.65
N LEU A 184 -12.88 -0.04 -18.74
CA LEU A 184 -12.93 0.98 -19.79
C LEU A 184 -12.72 0.37 -21.16
N LEU A 185 -11.97 -0.75 -21.24
CA LEU A 185 -11.84 -1.45 -22.50
C LEU A 185 -13.15 -2.10 -22.91
N ALA A 186 -13.89 -2.68 -21.95
CA ALA A 186 -15.00 -3.57 -22.29
C ALA A 186 -16.32 -2.84 -22.52
N ARG A 187 -16.55 -1.70 -21.88
CA ARG A 187 -17.89 -1.11 -21.90
C ARG A 187 -17.94 0.18 -22.72
N GLU A 188 -19.16 0.57 -23.08
CA GLU A 188 -19.40 1.83 -23.76
C GLU A 188 -19.36 2.98 -22.75
N LEU A 189 -18.87 4.12 -23.19
CA LEU A 189 -18.87 5.31 -22.34
C LEU A 189 -20.26 5.95 -22.34
N PRO A 190 -20.62 6.68 -21.27
CA PRO A 190 -19.90 6.99 -20.02
C PRO A 190 -19.78 5.79 -19.10
N VAL A 191 -18.80 5.82 -18.21
CA VAL A 191 -18.46 4.70 -17.32
C VAL A 191 -18.31 5.26 -15.91
N TYR A 192 -19.17 4.81 -15.00
CA TYR A 192 -19.07 5.16 -13.59
C TYR A 192 -18.91 3.86 -12.79
N ILE A 193 -17.68 3.55 -12.39
CA ILE A 193 -17.37 2.22 -11.92
C ILE A 193 -16.62 2.26 -10.58
N ILE A 194 -17.02 1.36 -9.69
CA ILE A 194 -16.36 1.09 -8.42
C ILE A 194 -15.65 -0.24 -8.55
N SER A 195 -14.45 -0.36 -8.01
CA SER A 195 -13.78 -1.65 -7.96
C SER A 195 -13.26 -1.86 -6.54
N ILE A 196 -13.77 -2.88 -5.88
CA ILE A 196 -13.52 -3.12 -4.47
C ILE A 196 -12.94 -4.50 -4.37
N GLY A 197 -11.69 -4.60 -3.95
CA GLY A 197 -11.11 -5.93 -3.89
C GLY A 197 -9.83 -5.96 -3.08
N ARG A 198 -9.29 -7.17 -3.02
CA ARG A 198 -8.07 -7.43 -2.27
C ARG A 198 -6.87 -6.95 -3.09
N THR A 199 -6.01 -6.12 -2.49
CA THR A 199 -4.77 -5.71 -3.15
C THR A 199 -3.57 -6.05 -2.27
N PHE A 200 -2.35 -5.89 -2.83
CA PHE A 200 -1.14 -6.46 -2.25
C PHE A 200 0.03 -5.51 -2.39
N ARG A 201 0.59 -5.08 -1.25
CA ARG A 201 1.85 -4.37 -1.16
C ARG A 201 2.74 -5.10 -0.16
N THR A 202 4.04 -4.79 -0.19
CA THR A 202 5.04 -5.56 0.56
C THR A 202 5.29 -5.04 1.98
N ASP A 203 4.34 -4.36 2.60
CA ASP A 203 4.52 -3.82 3.94
C ASP A 203 4.47 -4.93 4.99
N GLU A 204 5.33 -4.85 6.00
CA GLU A 204 5.29 -5.85 7.05
C GLU A 204 4.04 -5.64 7.90
N LEU A 205 3.47 -6.74 8.38
CA LEU A 205 2.22 -6.68 9.12
C LEU A 205 2.49 -6.18 10.55
N ASP A 206 2.12 -4.93 10.81
CA ASP A 206 2.09 -4.38 12.17
C ASP A 206 0.72 -3.76 12.44
N ALA A 207 0.53 -3.10 13.57
CA ALA A 207 -0.79 -2.61 13.97
C ALA A 207 -1.38 -1.56 13.02
N THR A 208 -0.61 -1.00 12.09
CA THR A 208 -1.20 -0.03 11.16
C THR A 208 -0.91 -0.35 9.69
N HIS A 209 -0.39 -1.54 9.39
CA HIS A 209 -0.14 -1.96 8.02
C HIS A 209 -0.44 -3.45 7.85
N THR A 210 -1.03 -3.81 6.72
CA THR A 210 -1.17 -5.21 6.34
C THR A 210 -0.67 -5.41 4.91
N PRO A 211 0.04 -6.52 4.64
CA PRO A 211 0.45 -6.80 3.25
C PRO A 211 -0.71 -7.19 2.35
N ILE A 212 -1.76 -7.80 2.90
CA ILE A 212 -2.94 -8.14 2.14
C ILE A 212 -4.05 -7.21 2.62
N PHE A 213 -4.38 -6.19 1.84
CA PHE A 213 -5.40 -5.23 2.24
C PHE A 213 -6.46 -5.08 1.16
N HIS A 214 -7.59 -4.50 1.54
CA HIS A 214 -8.76 -4.39 0.67
C HIS A 214 -8.98 -2.92 0.37
N GLN A 215 -9.15 -2.58 -0.90
CA GLN A 215 -9.14 -1.18 -1.28
C GLN A 215 -10.39 -0.88 -2.09
N VAL A 216 -10.87 0.37 -2.01
CA VAL A 216 -12.03 0.79 -2.80
C VAL A 216 -11.62 1.92 -3.74
N GLU A 217 -11.74 1.67 -5.04
CA GLU A 217 -11.34 2.69 -6.00
C GLU A 217 -12.49 3.00 -6.92
N GLY A 218 -12.60 4.27 -7.28
CA GLY A 218 -13.61 4.70 -8.20
C GLY A 218 -12.98 5.21 -9.48
N LEU A 219 -13.78 5.29 -10.53
CA LEU A 219 -13.34 5.92 -11.78
C LEU A 219 -14.59 6.37 -12.51
N ALA A 220 -14.65 7.65 -12.87
CA ALA A 220 -15.79 8.19 -13.59
C ALA A 220 -15.27 8.91 -14.83
N VAL A 221 -15.65 8.44 -16.02
CA VAL A 221 -15.26 9.02 -17.30
C VAL A 221 -16.51 9.37 -18.08
N ASP A 222 -16.58 10.60 -18.60
CA ASP A 222 -17.79 11.16 -19.17
C ASP A 222 -17.43 12.50 -19.80
N ARG A 223 -18.40 13.12 -20.49
CA ARG A 223 -18.16 14.45 -21.05
C ARG A 223 -18.30 15.51 -19.96
N GLY A 224 -17.36 16.45 -19.94
CA GLY A 224 -17.46 17.60 -19.07
C GLY A 224 -17.19 17.38 -17.59
N LEU A 225 -16.64 16.23 -17.21
CA LEU A 225 -16.32 16.01 -15.80
C LEU A 225 -15.18 16.94 -15.36
N SER A 226 -15.23 17.33 -14.08
CA SER A 226 -14.29 18.28 -13.52
C SER A 226 -13.98 17.90 -12.08
N MET A 227 -12.94 18.53 -11.53
CA MET A 227 -12.60 18.35 -10.13
C MET A 227 -13.79 18.59 -9.22
N ALA A 228 -14.67 19.53 -9.58
CA ALA A 228 -15.83 19.82 -8.75
C ALA A 228 -16.72 18.59 -8.64
N HIS A 229 -16.84 17.82 -9.72
CA HIS A 229 -17.57 16.56 -9.62
C HIS A 229 -16.81 15.55 -8.75
N LEU A 230 -15.49 15.53 -8.85
CA LEU A 230 -14.71 14.70 -7.94
C LEU A 230 -15.04 15.02 -6.49
N ARG A 231 -15.03 16.31 -6.10
CA ARG A 231 -15.37 16.68 -4.73
C ARG A 231 -16.82 16.32 -4.39
N GLY A 232 -17.75 16.59 -5.31
CA GLY A 232 -19.13 16.17 -5.11
C GLY A 232 -19.26 14.71 -4.71
N THR A 233 -18.71 13.81 -5.54
CA THR A 233 -18.74 12.39 -5.21
C THR A 233 -18.03 12.10 -3.90
N LEU A 234 -16.88 12.72 -3.68
CA LEU A 234 -16.15 12.49 -2.44
C LEU A 234 -17.00 12.86 -1.24
N ASP A 235 -17.68 14.00 -1.30
CA ASP A 235 -18.46 14.45 -0.15
C ASP A 235 -19.69 13.58 0.07
N ALA A 236 -20.37 13.18 -1.01
CA ALA A 236 -21.45 12.22 -0.90
C ALA A 236 -20.96 10.93 -0.25
N PHE A 237 -19.89 10.35 -0.78
CA PHE A 237 -19.30 9.14 -0.20
C PHE A 237 -19.06 9.31 1.30
N ALA A 238 -18.44 10.43 1.69
CA ALA A 238 -18.11 10.67 3.09
C ALA A 238 -19.35 10.72 3.96
N ARG A 239 -20.40 11.36 3.48
CA ARG A 239 -21.61 11.51 4.28
C ARG A 239 -22.23 10.16 4.59
N ALA A 240 -22.18 9.23 3.63
CA ALA A 240 -22.79 7.93 3.87
C ALA A 240 -21.98 7.08 4.83
N GLU A 241 -20.66 7.24 4.85
CA GLU A 241 -19.83 6.38 5.66
C GLU A 241 -19.52 6.95 7.04
N PHE A 242 -19.92 8.20 7.30
CA PHE A 242 -19.47 8.91 8.50
C PHE A 242 -20.54 9.79 9.16
N GLY A 243 -21.51 10.30 8.42
CA GLY A 243 -22.56 11.09 9.01
C GLY A 243 -22.84 12.29 8.14
N PRO A 244 -23.99 12.94 8.33
CA PRO A 244 -24.31 14.14 7.52
C PRO A 244 -23.41 15.31 7.84
N SER A 245 -22.61 15.18 8.90
CA SER A 245 -21.71 16.22 9.35
C SER A 245 -20.34 16.14 8.70
N ALA A 246 -20.16 15.26 7.72
CA ALA A 246 -18.83 14.90 7.22
C ALA A 246 -18.56 15.57 5.88
N ARG A 247 -17.34 16.06 5.73
CA ARG A 247 -16.94 16.72 4.50
C ARG A 247 -15.54 16.23 4.13
N THR A 248 -15.11 16.58 2.93
CA THR A 248 -13.75 16.28 2.48
C THR A 248 -13.03 17.56 2.08
N ARG A 249 -11.72 17.53 2.21
CA ARG A 249 -10.85 18.56 1.68
C ARG A 249 -9.78 17.88 0.86
N ILE A 250 -9.30 18.57 -0.17
CA ILE A 250 -8.30 18.01 -1.06
C ILE A 250 -7.09 18.94 -1.12
N ARG A 251 -5.92 18.33 -1.07
CA ARG A 251 -4.62 18.93 -0.94
C ARG A 251 -3.75 18.35 -2.05
N PRO A 252 -3.06 19.17 -2.85
CA PRO A 252 -2.33 18.62 -4.01
C PRO A 252 -1.29 17.59 -3.60
N HIS A 253 -1.14 16.56 -4.43
CA HIS A 253 -0.14 15.52 -4.22
C HIS A 253 0.31 15.00 -5.58
N PHE A 254 0.75 13.75 -5.64
CA PHE A 254 1.17 13.19 -6.93
C PHE A 254 0.81 11.72 -7.00
N PHE A 255 0.16 11.33 -8.10
CA PHE A 255 -0.03 9.94 -8.44
C PHE A 255 0.19 9.84 -9.94
N PRO A 256 0.82 8.77 -10.40
CA PRO A 256 1.06 8.62 -11.85
C PRO A 256 -0.24 8.44 -12.63
N PHE A 257 -1.29 7.90 -12.03
N PHE A 257 -1.26 7.88 -11.98
CA PHE A 257 -2.51 7.62 -12.76
CA PHE A 257 -2.57 7.56 -12.55
C PHE A 257 -3.50 8.78 -12.74
C PHE A 257 -3.37 8.83 -12.83
N THR A 258 -3.19 9.86 -12.02
CA THR A 258 -4.01 11.06 -12.07
C THR A 258 -3.15 12.30 -12.31
N GLU A 259 -3.83 13.37 -12.73
CA GLU A 259 -3.23 14.69 -12.98
C GLU A 259 -4.28 15.74 -13.30
N PRO A 260 -4.51 16.73 -12.41
CA PRO A 260 -3.88 16.87 -11.10
C PRO A 260 -4.22 15.75 -10.14
N SER A 261 -3.48 15.70 -9.04
CA SER A 261 -3.63 14.66 -8.04
C SER A 261 -3.67 15.35 -6.70
N ALA A 262 -4.50 14.84 -5.79
CA ALA A 262 -4.60 15.40 -4.47
C ALA A 262 -4.72 14.27 -3.45
N GLU A 263 -4.57 14.60 -2.17
CA GLU A 263 -4.91 13.69 -1.10
C GLU A 263 -6.19 14.15 -0.43
N VAL A 264 -7.04 13.19 -0.06
CA VAL A 264 -8.37 13.46 0.48
C VAL A 264 -8.32 13.20 1.97
N ASP A 265 -8.49 14.26 2.76
CA ASP A 265 -8.75 14.16 4.19
C ASP A 265 -10.26 14.26 4.40
N VAL A 266 -10.76 13.56 5.42
CA VAL A 266 -12.19 13.55 5.72
C VAL A 266 -12.43 14.10 7.13
N TRP A 267 -13.54 14.85 7.29
CA TRP A 267 -13.94 15.44 8.59
C TRP A 267 -14.85 14.47 9.32
N PHE A 268 -14.27 13.71 10.24
CA PHE A 268 -14.97 12.63 10.95
C PHE A 268 -15.49 13.26 12.24
N ALA A 269 -16.69 13.84 12.15
CA ALA A 269 -17.21 14.59 13.30
C ALA A 269 -17.66 13.65 14.41
N ASN A 270 -18.23 12.50 14.05
CA ASN A 270 -19.03 11.71 14.97
C ASN A 270 -18.22 11.28 16.20
N LYS A 271 -16.94 10.98 16.01
CA LYS A 271 -16.07 10.79 17.18
C LYS A 271 -14.63 10.87 16.70
N ILE A 272 -13.72 10.12 17.37
CA ILE A 272 -12.26 10.13 17.35
C ILE A 272 -11.85 10.67 18.72
N GLY A 273 -12.83 10.87 19.59
CA GLY A 273 -12.62 11.58 20.84
C GLY A 273 -12.57 13.09 20.69
N GLY A 274 -13.02 13.62 19.55
CA GLY A 274 -12.95 15.04 19.30
C GLY A 274 -12.64 15.38 17.85
N ALA A 275 -13.70 15.68 17.09
CA ALA A 275 -13.64 15.88 15.64
C ALA A 275 -12.36 16.52 15.11
N ALA A 276 -11.64 15.79 14.26
CA ALA A 276 -10.40 16.23 13.64
C ALA A 276 -10.34 15.70 12.22
N TRP A 277 -9.54 16.36 11.38
CA TRP A 277 -9.33 15.87 10.02
C TRP A 277 -8.49 14.60 10.06
N VAL A 278 -8.75 13.71 9.08
CA VAL A 278 -7.95 12.49 8.99
C VAL A 278 -7.67 12.20 7.52
N GLU A 279 -6.43 11.81 7.21
CA GLU A 279 -6.09 11.34 5.87
C GLU A 279 -6.85 10.08 5.47
N TRP A 280 -7.64 10.17 4.41
CA TRP A 280 -8.49 9.07 3.98
C TRP A 280 -7.94 8.33 2.76
N GLY A 281 -7.72 9.06 1.68
CA GLY A 281 -7.18 8.46 0.50
C GLY A 281 -6.70 9.52 -0.46
N GLY A 282 -6.53 9.12 -1.71
CA GLY A 282 -6.05 9.98 -2.76
C GLY A 282 -7.07 10.01 -3.89
N CYS A 283 -6.86 10.95 -4.81
CA CYS A 283 -7.77 11.13 -5.92
C CYS A 283 -7.11 12.01 -6.96
N GLY A 284 -7.86 12.31 -7.99
CA GLY A 284 -7.35 13.15 -9.05
C GLY A 284 -8.14 12.93 -10.30
N MET A 285 -7.86 13.79 -11.28
CA MET A 285 -8.41 13.65 -12.61
C MET A 285 -7.62 12.54 -13.32
N VAL A 286 -8.30 11.70 -14.10
CA VAL A 286 -7.59 10.59 -14.72
C VAL A 286 -6.65 11.12 -15.80
N HIS A 287 -5.44 10.56 -15.85
CA HIS A 287 -4.38 11.10 -16.70
C HIS A 287 -4.69 10.85 -18.17
N PRO A 288 -4.52 11.88 -19.06
CA PRO A 288 -4.76 11.69 -20.50
C PRO A 288 -4.22 10.39 -21.06
N ASN A 289 -3.03 10.04 -20.58
CA ASN A 289 -2.35 8.86 -21.09
C ASN A 289 -3.10 7.59 -20.74
N VAL A 290 -3.79 7.56 -19.60
CA VAL A 290 -4.63 6.43 -19.30
C VAL A 290 -5.77 6.34 -20.31
N LEU A 291 -6.24 7.48 -20.80
CA LEU A 291 -7.33 7.48 -21.76
C LEU A 291 -6.87 6.99 -23.15
N ARG A 292 -5.69 7.43 -23.61
CA ARG A 292 -5.19 6.90 -24.89
C ARG A 292 -4.97 5.40 -24.78
N ALA A 293 -4.39 4.93 -23.68
CA ALA A 293 -4.10 3.52 -23.51
C ALA A 293 -5.37 2.68 -23.47
N THR A 294 -6.53 3.34 -23.58
CA THR A 294 -7.83 2.69 -23.66
C THR A 294 -8.69 3.30 -24.76
N GLY A 295 -8.07 3.94 -25.75
CA GLY A 295 -8.77 4.36 -26.94
C GLY A 295 -9.84 5.41 -26.74
N ILE A 296 -9.67 6.30 -25.77
CA ILE A 296 -10.65 7.33 -25.44
C ILE A 296 -10.05 8.70 -25.74
N ASP A 297 -10.77 9.52 -26.48
CA ASP A 297 -10.24 10.83 -26.83
C ASP A 297 -10.26 11.79 -25.64
N PRO A 298 -9.11 12.24 -25.15
CA PRO A 298 -9.12 13.16 -24.00
C PRO A 298 -9.65 14.54 -24.33
N ASP A 299 -9.78 14.89 -25.61
CA ASP A 299 -10.35 16.17 -25.97
C ASP A 299 -11.87 16.15 -25.93
N LEU A 300 -12.46 14.97 -25.83
CA LEU A 300 -13.90 14.79 -25.72
C LEU A 300 -14.34 14.38 -24.34
N TYR A 301 -13.58 13.51 -23.66
CA TYR A 301 -14.02 13.03 -22.36
C TYR A 301 -12.96 13.36 -21.32
N SER A 302 -13.40 13.66 -20.12
CA SER A 302 -12.50 13.77 -18.98
C SER A 302 -12.88 12.70 -17.96
N GLY A 303 -12.21 12.71 -16.81
CA GLY A 303 -12.48 11.70 -15.81
C GLY A 303 -11.83 12.01 -14.48
N PHE A 304 -12.37 11.38 -13.44
CA PHE A 304 -11.78 11.48 -12.11
C PHE A 304 -11.72 10.09 -11.47
N ALA A 305 -10.89 9.97 -10.44
CA ALA A 305 -10.70 8.71 -9.77
C ALA A 305 -10.36 8.99 -8.32
N PHE A 306 -10.53 7.98 -7.47
CA PHE A 306 -10.21 8.08 -6.06
C PHE A 306 -10.01 6.68 -5.54
N GLY A 307 -9.30 6.57 -4.43
CA GLY A 307 -9.11 5.27 -3.84
C GLY A 307 -8.87 5.41 -2.36
N MET A 308 -9.64 4.66 -1.58
CA MET A 308 -9.52 4.67 -0.13
C MET A 308 -9.28 3.25 0.35
N GLY A 309 -8.34 3.07 1.27
CA GLY A 309 -8.07 1.72 1.75
C GLY A 309 -9.02 1.34 2.87
N LEU A 310 -9.56 0.12 2.79
CA LEU A 310 -10.64 -0.24 3.70
C LEU A 310 -10.13 -0.50 5.11
N GLU A 311 -9.01 -1.21 5.26
CA GLU A 311 -8.49 -1.45 6.61
C GLU A 311 -8.14 -0.12 7.29
N ARG A 312 -7.44 0.74 6.58
CA ARG A 312 -7.33 2.13 6.97
C ARG A 312 -8.65 2.74 7.46
N THR A 313 -9.72 2.70 6.66
CA THR A 313 -10.98 3.29 7.07
C THR A 313 -11.58 2.63 8.31
N LEU A 314 -11.55 1.30 8.39
CA LEU A 314 -12.10 0.66 9.57
C LEU A 314 -11.32 1.07 10.83
N GLN A 315 -9.98 1.14 10.74
CA GLN A 315 -9.17 1.40 11.92
C GLN A 315 -9.60 2.67 12.65
N PHE A 316 -9.87 3.72 11.88
CA PHE A 316 -9.72 5.06 12.39
C PHE A 316 -11.09 5.58 12.73
N ARG A 317 -12.10 5.02 12.06
CA ARG A 317 -13.51 5.24 12.34
C ARG A 317 -13.96 4.49 13.58
N ASN A 318 -13.53 3.23 13.72
CA ASN A 318 -13.97 2.44 14.84
C ASN A 318 -13.01 2.51 16.01
N GLY A 319 -11.81 3.02 15.81
CA GLY A 319 -10.83 3.02 16.87
C GLY A 319 -10.23 1.64 17.13
N ILE A 320 -9.71 1.00 16.10
CA ILE A 320 -9.20 -0.36 16.27
C ILE A 320 -7.68 -0.29 16.31
N PRO A 321 -7.08 -0.31 17.49
CA PRO A 321 -5.65 0.01 17.60
C PRO A 321 -4.75 -0.90 16.80
N ASP A 322 -5.20 -2.10 16.41
CA ASP A 322 -4.31 -3.18 15.96
C ASP A 322 -4.87 -3.88 14.72
N MET A 323 -4.33 -3.57 13.54
CA MET A 323 -4.80 -4.21 12.30
C MET A 323 -4.72 -5.73 12.37
N ARG A 324 -3.67 -6.27 12.97
CA ARG A 324 -3.56 -7.72 13.14
C ARG A 324 -4.90 -8.37 13.54
N ASP A 325 -5.73 -7.67 14.33
CA ASP A 325 -7.00 -8.25 14.70
C ASP A 325 -7.90 -8.44 13.49
N MET A 326 -7.83 -7.50 12.53
CA MET A 326 -8.68 -7.59 11.34
C MET A 326 -8.36 -8.80 10.49
N VAL A 327 -7.09 -9.21 10.41
CA VAL A 327 -6.66 -10.23 9.46
C VAL A 327 -6.36 -11.56 10.11
N GLU A 328 -6.24 -11.64 11.42
CA GLU A 328 -5.83 -12.91 12.00
C GLU A 328 -6.97 -13.90 12.13
N GLY A 329 -8.20 -13.49 11.80
CA GLY A 329 -9.32 -14.41 11.83
C GLY A 329 -9.74 -14.89 13.21
N ASP A 330 -9.51 -14.11 14.26
CA ASP A 330 -10.01 -14.51 15.55
C ASP A 330 -11.53 -14.33 15.59
N VAL A 331 -12.24 -15.33 16.12
CA VAL A 331 -13.70 -15.19 16.11
C VAL A 331 -14.11 -14.04 16.99
N ARG A 332 -13.29 -13.72 17.99
CA ARG A 332 -13.67 -12.64 18.90
C ARG A 332 -13.66 -11.29 18.23
N PHE A 333 -12.90 -11.13 17.16
CA PHE A 333 -12.90 -9.83 16.50
C PHE A 333 -14.21 -9.60 15.76
N SER A 334 -14.80 -10.67 15.22
CA SER A 334 -15.85 -10.56 14.22
C SER A 334 -17.24 -10.58 14.85
N LEU A 335 -17.47 -11.52 15.76
CA LEU A 335 -18.78 -11.70 16.38
C LEU A 335 -19.41 -10.39 16.85
N PRO A 336 -18.75 -9.55 17.66
CA PRO A 336 -19.37 -8.29 18.09
C PRO A 336 -19.86 -7.42 16.94
N PHE A 337 -19.45 -7.68 15.71
CA PHE A 337 -19.98 -6.87 14.63
C PHE A 337 -21.34 -7.37 14.18
N GLY A 338 -21.72 -8.58 14.58
CA GLY A 338 -23.01 -9.13 14.21
C GLY A 338 -22.95 -9.97 12.96
N VAL A 339 -24.15 -10.34 12.50
CA VAL A 339 -24.20 -11.35 11.46
C VAL A 339 -23.83 -10.76 10.10
N GLY A 340 -24.26 -9.54 9.81
CA GLY A 340 -24.12 -9.02 8.47
C GLY A 340 -25.27 -9.40 7.56
N ALA A 341 -26.19 -10.22 8.06
CA ALA A 341 -27.40 -10.49 7.32
C ALA A 341 -28.15 -9.17 7.21
N MET B 1 13.98 15.35 2.75
CA MET B 1 14.75 16.60 2.71
C MET B 1 14.45 17.55 3.81
N ARG B 2 15.49 17.88 4.56
CA ARG B 2 15.48 18.90 5.61
C ARG B 2 16.17 20.14 5.09
N LEU B 3 15.63 21.31 5.44
CA LEU B 3 16.39 22.54 5.25
C LEU B 3 15.91 23.54 6.30
N PRO B 4 16.70 24.58 6.60
CA PRO B 4 16.29 25.51 7.66
C PRO B 4 15.74 26.82 7.15
N TYR B 5 14.81 27.37 7.95
CA TYR B 5 13.98 28.48 7.49
C TYR B 5 14.80 29.72 7.18
N SER B 6 15.85 29.98 7.97
CA SER B 6 16.69 31.16 7.74
C SER B 6 17.24 31.18 6.31
N TRP B 7 17.80 30.05 5.88
CA TRP B 7 18.33 29.94 4.52
C TRP B 7 17.24 30.12 3.48
N LEU B 8 16.16 29.33 3.62
CA LEU B 8 15.01 29.48 2.75
C LEU B 8 14.57 30.93 2.67
N ARG B 9 14.61 31.63 3.82
CA ARG B 9 14.18 33.02 3.89
C ARG B 9 15.17 33.95 3.20
N GLU B 10 16.46 33.76 3.50
CA GLU B 10 17.53 34.52 2.84
C GLU B 10 17.36 34.56 1.32
N VAL B 11 17.03 33.41 0.72
CA VAL B 11 17.05 33.33 -0.74
C VAL B 11 15.78 33.94 -1.33
N VAL B 12 14.65 33.81 -0.64
CA VAL B 12 13.45 34.53 -1.04
C VAL B 12 13.63 36.02 -0.83
N ALA B 13 14.39 36.42 0.20
CA ALA B 13 14.49 37.81 0.58
C ALA B 13 15.20 38.65 -0.47
N VAL B 14 16.02 38.03 -1.32
CA VAL B 14 16.77 38.78 -2.31
C VAL B 14 15.85 39.59 -3.20
N GLY B 15 14.64 39.11 -3.44
CA GLY B 15 13.82 39.69 -4.48
C GLY B 15 12.52 40.23 -3.93
N ALA B 16 12.31 39.99 -2.63
CA ALA B 16 11.20 40.50 -1.85
C ALA B 16 11.74 40.68 -0.44
N SER B 17 12.55 41.73 -0.28
CA SER B 17 13.21 41.98 0.99
C SER B 17 12.18 42.25 2.08
N GLY B 18 12.54 41.85 3.30
CA GLY B 18 11.63 41.93 4.41
C GLY B 18 10.63 40.81 4.47
N TRP B 19 10.70 39.85 3.57
CA TRP B 19 9.81 38.70 3.64
C TRP B 19 10.11 37.91 4.90
N ASP B 20 9.05 37.45 5.55
CA ASP B 20 9.16 36.70 6.80
C ASP B 20 7.75 36.24 7.18
N VAL B 21 7.64 35.03 7.72
CA VAL B 21 6.36 34.40 8.04
C VAL B 21 6.59 33.41 9.18
N THR B 22 5.59 33.29 10.06
CA THR B 22 5.56 32.32 11.15
C THR B 22 5.80 30.93 10.59
N PRO B 23 6.41 30.00 11.34
CA PRO B 23 6.51 28.62 10.85
C PRO B 23 5.16 27.99 10.57
N GLY B 24 4.19 28.18 11.46
CA GLY B 24 2.86 27.65 11.22
C GLY B 24 2.30 28.05 9.88
N GLU B 25 2.46 29.32 9.51
CA GLU B 25 1.97 29.77 8.21
C GLU B 25 2.69 29.07 7.09
N LEU B 26 4.03 29.02 7.18
CA LEU B 26 4.83 28.37 6.14
C LEU B 26 4.40 26.93 5.96
N GLU B 27 4.35 26.16 7.07
CA GLU B 27 3.83 24.79 6.99
C GLU B 27 2.53 24.75 6.19
N GLN B 28 1.63 25.70 6.45
CA GLN B 28 0.34 25.65 5.78
C GLN B 28 0.45 26.04 4.32
N THR B 29 1.32 26.99 3.98
CA THR B 29 1.47 27.32 2.56
C THR B 29 2.15 26.19 1.80
N LEU B 30 3.05 25.46 2.46
CA LEU B 30 3.69 24.35 1.79
C LEU B 30 2.69 23.24 1.48
N LEU B 31 1.88 22.86 2.48
CA LEU B 31 0.86 21.85 2.24
C LEU B 31 -0.10 22.30 1.16
N ARG B 32 -0.50 23.58 1.20
CA ARG B 32 -1.54 24.07 0.32
C ARG B 32 -1.14 23.95 -1.14
N ILE B 33 0.16 23.93 -1.44
CA ILE B 33 0.61 23.89 -2.84
C ILE B 33 1.28 22.58 -3.22
N GLY B 34 1.42 21.61 -2.31
CA GLY B 34 1.77 20.28 -2.75
C GLY B 34 2.88 19.55 -2.02
N HIS B 35 3.52 20.22 -1.07
CA HIS B 35 4.70 19.67 -0.41
C HIS B 35 4.32 19.16 0.97
N GLU B 36 4.60 17.89 1.23
CA GLU B 36 4.23 17.27 2.49
C GLU B 36 5.27 17.66 3.55
N VAL B 37 4.83 18.38 4.58
CA VAL B 37 5.70 18.72 5.71
C VAL B 37 5.59 17.58 6.72
N GLU B 38 6.57 16.68 6.69
CA GLU B 38 6.54 15.56 7.62
C GLU B 38 6.61 16.02 9.06
N GLU B 39 7.27 17.16 9.31
CA GLU B 39 7.73 17.52 10.65
C GLU B 39 8.30 18.92 10.67
N VAL B 40 7.97 19.71 11.69
CA VAL B 40 8.57 21.04 11.87
C VAL B 40 9.32 21.02 13.19
N ILE B 41 10.64 21.20 13.12
CA ILE B 41 11.51 21.23 14.29
C ILE B 41 11.99 22.68 14.45
N PRO B 42 11.46 23.43 15.42
CA PRO B 42 12.17 24.64 15.84
C PRO B 42 13.32 24.22 16.74
N LEU B 43 14.46 24.90 16.57
CA LEU B 43 15.68 24.46 17.23
C LEU B 43 15.53 24.62 18.74
N GLY B 44 15.60 23.49 19.45
CA GLY B 44 15.19 23.38 20.83
C GLY B 44 15.79 24.51 21.61
N PRO B 45 15.05 25.07 22.54
CA PRO B 45 15.46 26.33 23.18
C PRO B 45 16.39 26.10 24.37
N VAL B 46 17.25 27.09 24.60
CA VAL B 46 18.12 27.09 25.76
C VAL B 46 17.86 28.32 26.62
N ASP B 47 18.11 28.19 27.92
CA ASP B 47 18.08 29.35 28.79
C ASP B 47 19.31 29.39 29.68
N GLY B 48 19.73 30.61 30.01
CA GLY B 48 20.77 30.80 30.99
C GLY B 48 22.15 30.58 30.43
N PRO B 49 23.07 30.17 31.29
CA PRO B 49 24.48 30.06 30.88
C PRO B 49 24.77 28.89 29.95
N VAL B 50 24.56 29.09 28.64
CA VAL B 50 24.99 28.18 27.60
C VAL B 50 25.84 29.02 26.65
N THR B 51 27.16 28.98 26.83
CA THR B 51 28.10 29.86 26.14
C THR B 51 29.18 29.04 25.45
N VAL B 52 29.81 29.65 24.45
CA VAL B 52 30.99 29.06 23.85
C VAL B 52 32.09 28.98 24.90
N GLY B 53 32.81 27.85 24.94
CA GLY B 53 34.01 27.75 25.74
C GLY B 53 35.17 27.32 24.85
N ARG B 54 36.39 27.56 25.34
CA ARG B 54 37.59 27.05 24.69
C ARG B 54 38.22 26.01 25.62
N VAL B 55 38.59 24.86 25.07
CA VAL B 55 39.23 23.86 25.92
C VAL B 55 40.66 24.31 26.14
N ALA B 56 41.05 24.46 27.39
CA ALA B 56 42.39 24.94 27.70
C ALA B 56 43.31 23.85 28.20
N ASP B 57 42.76 22.75 28.69
CA ASP B 57 43.57 21.72 29.34
C ASP B 57 42.68 20.49 29.42
N ILE B 58 43.25 19.33 29.11
CA ILE B 58 42.55 18.06 29.18
C ILE B 58 43.37 17.13 30.06
N GLU B 59 42.71 16.48 31.00
CA GLU B 59 43.33 15.50 31.88
C GLU B 59 42.58 14.19 31.69
N GLU B 60 43.27 13.18 31.14
CA GLU B 60 42.64 11.87 30.93
C GLU B 60 42.53 11.17 32.29
N LEU B 61 41.30 10.85 32.70
CA LEU B 61 41.05 10.27 34.01
C LEU B 61 41.16 8.76 33.86
N THR B 62 42.06 8.14 34.60
CA THR B 62 42.28 6.71 34.46
C THR B 62 41.47 5.95 35.50
N GLY B 63 41.43 4.63 35.34
CA GLY B 63 40.86 3.74 36.32
C GLY B 63 39.41 3.36 36.11
N TYR B 64 38.71 4.00 35.17
CA TYR B 64 37.29 3.79 34.97
C TYR B 64 37.07 2.97 33.70
N LYS B 65 35.81 2.81 33.29
CA LYS B 65 35.52 2.09 32.07
C LYS B 65 35.98 2.91 30.86
N LYS B 66 35.17 3.88 30.45
CA LYS B 66 35.46 4.71 29.28
C LYS B 66 36.71 5.56 29.52
N PRO B 67 37.22 6.21 28.48
CA PRO B 67 38.20 7.29 28.69
C PRO B 67 37.47 8.58 29.07
N ILE B 68 37.84 9.14 30.22
CA ILE B 68 37.11 10.27 30.77
C ILE B 68 38.05 11.46 30.84
N ARG B 69 37.50 12.65 30.66
CA ARG B 69 38.30 13.86 30.50
C ARG B 69 37.83 14.93 31.46
N ALA B 70 38.74 15.43 32.29
CA ALA B 70 38.46 16.53 33.21
C ALA B 70 39.07 17.78 32.60
N CYS B 71 38.24 18.66 32.06
CA CYS B 71 38.67 19.69 31.13
C CYS B 71 38.57 21.07 31.75
N ALA B 72 39.69 21.78 31.83
CA ALA B 72 39.67 23.21 32.05
C ALA B 72 39.11 23.92 30.81
N VAL B 73 38.07 24.74 30.99
CA VAL B 73 37.42 25.42 29.86
C VAL B 73 37.34 26.91 30.15
N ASP B 74 38.03 27.70 29.34
CA ASP B 74 37.92 29.16 29.29
C ASP B 74 36.51 29.55 28.85
N ILE B 75 35.72 30.14 29.76
CA ILE B 75 34.32 30.48 29.52
C ILE B 75 34.10 31.99 29.40
N GLY B 76 35.15 32.76 29.17
CA GLY B 76 34.96 34.19 29.06
C GLY B 76 35.47 34.96 30.29
N ASP B 77 35.90 36.20 30.06
CA ASP B 77 36.29 37.09 31.14
C ASP B 77 37.32 36.41 32.05
N ARG B 78 38.20 35.62 31.43
CA ARG B 78 39.30 34.92 32.07
C ARG B 78 38.85 33.96 33.16
N GLN B 79 37.59 33.51 33.08
CA GLN B 79 37.02 32.55 34.00
C GLN B 79 37.22 31.11 33.48
N TYR B 80 37.84 30.26 34.29
CA TYR B 80 38.14 28.87 33.90
C TYR B 80 37.42 27.91 34.84
N ARG B 81 36.53 27.08 34.29
CA ARG B 81 35.82 26.07 35.08
C ARG B 81 36.26 24.67 34.67
N GLU B 82 36.36 23.75 35.63
CA GLU B 82 36.56 22.35 35.26
C GLU B 82 35.24 21.63 35.06
N ILE B 83 35.24 20.78 34.03
CA ILE B 83 34.05 20.17 33.45
C ILE B 83 34.40 18.74 33.07
N ILE B 84 33.48 17.81 33.34
CA ILE B 84 33.72 16.42 32.99
C ILE B 84 32.97 16.09 31.71
N CYS B 85 33.61 15.31 30.84
CA CYS B 85 33.06 15.01 29.54
C CYS B 85 33.54 13.62 29.13
N GLY B 86 32.66 12.86 28.50
CA GLY B 86 32.97 11.48 28.18
C GLY B 86 33.49 11.32 26.78
N ALA B 87 33.17 12.29 25.91
CA ALA B 87 33.51 12.21 24.50
C ALA B 87 35.01 12.21 24.26
N THR B 88 35.41 12.06 22.99
CA THR B 88 36.82 12.13 22.63
C THR B 88 37.08 12.95 21.38
N ASN B 89 36.05 13.50 20.74
CA ASN B 89 36.20 14.12 19.43
C ASN B 89 36.66 15.56 19.50
N PHE B 90 37.50 15.93 20.47
CA PHE B 90 37.92 17.32 20.64
C PHE B 90 39.31 17.33 21.28
N ALA B 91 40.06 18.40 21.01
CA ALA B 91 41.41 18.56 21.52
C ALA B 91 41.55 19.90 22.25
N VAL B 92 42.66 20.04 23.00
CA VAL B 92 43.02 21.34 23.57
C VAL B 92 43.06 22.39 22.47
N GLY B 93 42.43 23.54 22.73
CA GLY B 93 42.36 24.65 21.81
C GLY B 93 41.08 24.77 21.01
N ASP B 94 40.16 23.81 21.16
CA ASP B 94 38.94 23.77 20.38
C ASP B 94 37.83 24.58 21.04
N LEU B 95 37.11 25.36 20.25
CA LEU B 95 35.86 25.96 20.69
C LEU B 95 34.79 24.87 20.88
N VAL B 96 34.34 24.66 22.12
CA VAL B 96 33.19 23.79 22.38
C VAL B 96 32.02 24.63 22.88
N VAL B 97 30.88 24.00 23.15
CA VAL B 97 29.72 24.69 23.72
C VAL B 97 29.37 24.08 25.07
N VAL B 98 29.37 24.91 26.12
CA VAL B 98 29.21 24.47 27.50
C VAL B 98 27.89 24.96 28.09
N ALA B 99 27.22 24.09 28.80
CA ALA B 99 26.05 24.45 29.58
C ALA B 99 26.50 24.49 31.04
N LEU B 100 26.55 25.68 31.60
CA LEU B 100 27.00 25.85 32.94
C LEU B 100 25.85 25.84 33.88
N PRO B 101 26.13 25.61 35.15
CA PRO B 101 25.17 25.55 36.23
C PRO B 101 24.17 26.65 36.16
N GLY B 102 22.91 26.28 36.18
CA GLY B 102 21.87 27.24 36.11
C GLY B 102 21.30 27.22 34.73
N ALA B 103 21.94 26.49 33.82
CA ALA B 103 21.38 26.43 32.49
C ALA B 103 20.29 25.40 32.41
N THR B 104 19.53 25.50 31.34
CA THR B 104 18.44 24.56 31.10
C THR B 104 18.51 24.17 29.65
N LEU B 105 18.63 22.88 29.39
CA LEU B 105 18.73 22.38 28.03
C LEU B 105 17.40 21.87 27.53
N PRO B 106 17.23 21.75 26.22
CA PRO B 106 16.01 21.21 25.64
C PRO B 106 15.62 19.88 26.23
N GLY B 107 14.33 19.68 26.44
CA GLY B 107 13.89 18.51 27.15
C GLY B 107 13.69 18.71 28.64
N GLY B 108 13.79 19.94 29.13
CA GLY B 108 13.68 20.22 30.55
C GLY B 108 14.79 19.60 31.38
N PHE B 109 16.03 19.93 31.08
CA PHE B 109 17.18 19.53 31.89
C PHE B 109 17.80 20.79 32.48
N THR B 110 17.88 20.83 33.81
CA THR B 110 18.66 21.84 34.53
C THR B 110 20.04 21.28 34.82
N ILE B 111 21.06 22.08 34.57
CA ILE B 111 22.44 21.73 34.89
C ILE B 111 22.78 22.26 36.27
N SER B 112 23.45 21.44 37.07
CA SER B 112 23.91 21.82 38.39
C SER B 112 25.32 21.27 38.60
N ALA B 113 26.09 21.96 39.44
CA ALA B 113 27.44 21.49 39.73
C ALA B 113 27.40 20.09 40.32
N ARG B 114 27.83 19.09 39.56
CA ARG B 114 27.77 17.71 40.08
C ARG B 114 29.10 16.99 40.20
N LYS B 115 29.38 16.47 41.40
CA LYS B 115 30.59 15.72 41.64
C LYS B 115 30.44 14.46 40.79
N ALA B 116 31.49 14.09 40.07
CA ALA B 116 31.39 12.93 39.20
C ALA B 116 32.80 12.40 38.95
N TYR B 117 32.99 11.09 39.09
CA TYR B 117 34.23 10.39 38.78
C TYR B 117 35.41 10.87 39.61
N GLY B 118 35.17 11.61 40.70
CA GLY B 118 36.22 12.05 41.60
C GLY B 118 36.51 13.53 41.60
N ARG B 119 35.99 14.28 40.62
CA ARG B 119 36.20 15.73 40.55
C ARG B 119 34.87 16.44 40.47
N ASN B 120 34.89 17.74 40.74
CA ASN B 120 33.72 18.56 40.55
C ASN B 120 33.57 18.96 39.10
N SER B 121 32.34 18.97 38.61
CA SER B 121 32.10 19.33 37.25
C SER B 121 31.14 20.46 37.24
N ASP B 122 31.57 21.61 36.71
CA ASP B 122 30.72 22.79 36.65
C ASP B 122 29.94 22.84 35.34
N GLY B 123 29.15 21.81 35.07
CA GLY B 123 28.39 21.80 33.86
C GLY B 123 28.92 20.72 32.98
N MET B 124 28.64 20.84 31.70
CA MET B 124 29.12 19.85 30.80
C MET B 124 29.32 20.42 29.45
N ILE B 125 29.99 19.65 28.60
CA ILE B 125 30.13 20.07 27.20
C ILE B 125 29.03 19.40 26.39
N CYS B 126 28.38 20.17 25.51
CA CYS B 126 27.19 19.69 24.83
C CYS B 126 27.48 18.97 23.51
N SER B 127 26.59 18.06 23.17
CA SER B 127 26.45 17.56 21.81
C SER B 127 25.37 18.35 21.07
N ALA B 128 25.45 18.33 19.74
CA ALA B 128 24.45 19.04 18.95
C ALA B 128 23.05 18.44 19.17
N ALA B 129 23.00 17.16 19.56
CA ALA B 129 21.74 16.55 19.96
C ALA B 129 21.20 17.19 21.23
N GLU B 130 22.05 17.32 22.26
CA GLU B 130 21.62 17.80 23.57
C GLU B 130 21.15 19.25 23.51
N LEU B 131 21.71 20.04 22.59
CA LEU B 131 21.23 21.37 22.27
C LEU B 131 19.97 21.37 21.40
N ASN B 132 19.60 20.24 20.81
CA ASN B 132 18.58 20.18 19.76
C ASN B 132 18.97 21.11 18.61
N LEU B 133 20.22 20.96 18.17
CA LEU B 133 20.75 21.60 16.98
C LEU B 133 20.81 20.65 15.81
N GLY B 134 21.29 19.44 16.04
CA GLY B 134 21.41 18.48 14.96
C GLY B 134 21.31 17.05 15.43
N ALA B 135 21.59 16.13 14.51
CA ALA B 135 21.48 14.72 14.82
C ALA B 135 22.55 14.31 15.83
N ASP B 136 22.18 13.37 16.70
CA ASP B 136 23.14 12.77 17.61
C ASP B 136 24.11 11.90 16.84
N HIS B 137 25.36 12.34 16.73
CA HIS B 137 26.44 11.39 16.56
C HIS B 137 27.32 11.35 17.79
N SER B 138 28.32 10.48 17.73
CA SER B 138 29.20 10.27 18.86
C SER B 138 29.97 11.55 19.15
N GLY B 139 29.97 11.95 20.42
CA GLY B 139 30.77 13.08 20.86
C GLY B 139 30.06 14.42 20.72
N ILE B 140 30.80 15.44 21.14
CA ILE B 140 30.25 16.77 21.38
C ILE B 140 30.44 17.63 20.15
N LEU B 141 29.85 18.82 20.16
CA LEU B 141 29.99 19.74 19.05
C LEU B 141 31.25 20.60 19.22
N VAL B 142 32.02 20.75 18.15
CA VAL B 142 33.23 21.56 18.11
C VAL B 142 33.07 22.62 17.03
N LEU B 143 33.37 23.77 17.34
CA LEU B 143 33.16 24.81 16.34
C LEU B 143 34.45 25.09 15.59
N PRO B 144 34.36 25.52 14.34
CA PRO B 144 35.55 25.88 13.57
C PRO B 144 36.29 27.01 14.27
N PRO B 145 37.62 27.01 14.25
CA PRO B 145 38.35 28.10 14.89
C PRO B 145 37.87 29.45 14.35
N GLY B 146 37.72 30.41 15.24
CA GLY B 146 37.31 31.76 14.87
C GLY B 146 35.82 31.99 14.71
N ALA B 147 34.99 31.01 15.06
CA ALA B 147 33.54 31.18 14.95
C ALA B 147 32.99 32.11 16.01
N ALA B 148 33.68 32.19 17.15
CA ALA B 148 33.17 32.87 18.33
C ALA B 148 34.25 32.86 19.38
N GLU B 149 34.33 33.94 20.17
CA GLU B 149 35.25 33.98 21.29
C GLU B 149 34.62 33.28 22.48
N PRO B 150 35.42 32.75 23.40
CA PRO B 150 34.84 32.14 24.61
C PRO B 150 34.02 33.16 25.40
N GLY B 151 32.93 32.69 25.99
CA GLY B 151 31.97 33.55 26.63
C GLY B 151 30.79 33.92 25.76
N ALA B 152 30.91 33.76 24.44
CA ALA B 152 29.84 34.17 23.53
C ALA B 152 28.56 33.41 23.83
N ASP B 153 27.42 34.09 23.66
CA ASP B 153 26.12 33.48 23.93
C ASP B 153 25.84 32.34 22.97
N GLY B 154 25.78 31.12 23.50
CA GLY B 154 25.56 29.95 22.65
C GLY B 154 24.37 30.10 21.72
N ALA B 155 23.23 30.50 22.28
CA ALA B 155 22.00 30.63 21.48
C ALA B 155 22.21 31.51 20.26
N GLY B 156 23.06 32.54 20.35
CA GLY B 156 23.27 33.46 19.24
C GLY B 156 24.20 32.90 18.19
N VAL B 157 25.35 32.37 18.63
CA VAL B 157 26.32 31.72 17.74
C VAL B 157 25.71 30.51 17.03
N LEU B 158 24.96 29.69 17.76
CA LEU B 158 24.35 28.52 17.16
C LEU B 158 23.14 28.89 16.30
N GLY B 159 22.59 30.08 16.49
CA GLY B 159 21.39 30.49 15.78
C GLY B 159 20.20 29.62 16.10
N LEU B 160 19.83 29.49 17.38
CA LEU B 160 18.78 28.56 17.75
C LEU B 160 17.39 29.13 17.60
N ASP B 161 17.25 30.35 17.08
CA ASP B 161 15.92 30.82 16.71
C ASP B 161 15.50 30.30 15.33
N ASP B 162 16.32 29.46 14.72
CA ASP B 162 15.99 28.89 13.42
C ASP B 162 15.00 27.73 13.59
N VAL B 163 14.35 27.38 12.48
CA VAL B 163 13.41 26.26 12.42
C VAL B 163 13.75 25.43 11.20
N VAL B 164 13.77 24.11 11.35
CA VAL B 164 14.09 23.19 10.27
C VAL B 164 12.81 22.51 9.80
N PHE B 165 12.39 22.83 8.57
CA PHE B 165 11.29 22.15 7.91
C PHE B 165 11.75 20.83 7.30
N HIS B 166 11.10 19.75 7.66
CA HIS B 166 11.41 18.45 7.08
C HIS B 166 10.27 18.02 6.16
N LEU B 167 10.60 17.96 4.87
CA LEU B 167 9.66 17.79 3.78
C LEU B 167 9.85 16.43 3.12
N ALA B 168 8.76 15.86 2.62
CA ALA B 168 8.81 14.63 1.83
C ALA B 168 8.40 15.02 0.40
N ILE B 169 9.40 15.35 -0.42
CA ILE B 169 9.17 15.74 -1.80
C ILE B 169 8.70 14.54 -2.60
N THR B 170 7.76 14.78 -3.58
CA THR B 170 7.21 13.80 -4.48
C THR B 170 8.09 13.69 -5.73
N PRO B 171 8.18 12.52 -6.36
CA PRO B 171 9.20 12.32 -7.41
C PRO B 171 9.01 13.20 -8.62
N ASP B 172 7.84 13.81 -8.82
CA ASP B 172 7.66 14.71 -9.96
C ASP B 172 8.29 16.07 -9.74
N ARG B 173 8.76 16.35 -8.54
CA ARG B 173 9.13 17.70 -8.09
C ARG B 173 10.61 17.76 -7.68
N GLY B 174 11.47 17.04 -8.40
CA GLY B 174 12.88 16.99 -8.01
C GLY B 174 13.48 18.36 -7.83
N TYR B 175 13.04 19.33 -8.64
CA TYR B 175 13.60 20.67 -8.64
C TYR B 175 13.48 21.33 -7.27
N CYS B 176 12.47 20.94 -6.48
CA CYS B 176 12.30 21.33 -5.08
C CYS B 176 13.18 20.54 -4.10
N MET B 177 14.21 19.84 -4.54
CA MET B 177 15.09 19.18 -3.59
C MET B 177 16.32 20.03 -3.35
N SER B 178 16.09 21.28 -2.96
CA SER B 178 17.10 22.31 -2.88
C SER B 178 16.47 23.58 -2.32
N VAL B 179 17.32 24.44 -1.77
CA VAL B 179 16.84 25.77 -1.42
C VAL B 179 16.40 26.53 -2.66
N ARG B 180 17.04 26.28 -3.79
CA ARG B 180 16.62 26.96 -5.02
C ARG B 180 15.16 26.67 -5.34
N GLY B 181 14.79 25.39 -5.36
CA GLY B 181 13.45 25.04 -5.82
C GLY B 181 12.38 25.57 -4.89
N LEU B 182 12.52 25.28 -3.60
CA LEU B 182 11.52 25.69 -2.61
C LEU B 182 11.37 27.21 -2.59
N ALA B 183 12.49 27.94 -2.63
CA ALA B 183 12.44 29.40 -2.73
C ALA B 183 11.52 29.83 -3.87
N ARG B 184 11.68 29.22 -5.04
CA ARG B 184 10.85 29.58 -6.19
C ARG B 184 9.39 29.24 -5.93
N GLU B 185 9.14 28.06 -5.35
CA GLU B 185 7.79 27.71 -4.95
C GLU B 185 7.19 28.76 -4.04
N LEU B 186 7.93 29.15 -2.99
CA LEU B 186 7.39 30.13 -2.05
C LEU B 186 7.16 31.45 -2.75
N ALA B 187 8.11 31.89 -3.60
CA ALA B 187 7.89 33.11 -4.37
C ALA B 187 6.64 33.02 -5.23
N CYS B 188 6.34 31.83 -5.76
CA CYS B 188 5.14 31.68 -6.58
C CYS B 188 3.87 31.73 -5.73
N ALA B 189 3.89 31.11 -4.56
CA ALA B 189 2.72 31.10 -3.68
C ALA B 189 2.37 32.51 -3.23
N TYR B 190 3.37 33.28 -2.81
CA TYR B 190 3.19 34.62 -2.24
C TYR B 190 3.29 35.74 -3.26
N ASP B 191 3.29 35.42 -4.56
CA ASP B 191 3.29 36.45 -5.60
C ASP B 191 4.42 37.46 -5.39
N LEU B 192 5.62 36.93 -5.19
CA LEU B 192 6.84 37.69 -4.93
C LEU B 192 7.76 37.65 -6.15
N ASP B 193 8.54 38.71 -6.32
CA ASP B 193 9.62 38.68 -7.29
C ASP B 193 10.68 37.66 -6.88
N PHE B 194 11.25 36.97 -7.86
CA PHE B 194 12.22 35.93 -7.55
C PHE B 194 13.54 36.17 -8.26
N VAL B 195 14.62 36.25 -7.48
CA VAL B 195 15.99 36.19 -7.96
C VAL B 195 16.47 34.75 -7.92
N ASP B 196 16.84 34.22 -9.09
CA ASP B 196 17.30 32.85 -9.16
C ASP B 196 18.70 32.79 -8.58
N PRO B 197 18.95 32.00 -7.53
CA PRO B 197 20.29 31.92 -6.97
C PRO B 197 21.30 31.18 -7.86
N ALA B 198 20.90 30.77 -9.06
CA ALA B 198 21.84 30.22 -10.02
C ALA B 198 21.95 31.11 -11.27
N SER B 199 21.32 32.29 -11.24
CA SER B 199 21.44 33.22 -12.34
C SER B 199 22.83 33.84 -12.36
N ASN B 200 23.20 34.40 -13.53
CA ASN B 200 24.54 34.94 -13.68
C ASN B 200 24.77 36.15 -12.76
N SER B 201 23.72 36.94 -12.50
CA SER B 201 23.91 38.07 -11.58
C SER B 201 24.37 37.61 -10.20
N ARG B 202 24.05 36.35 -9.85
CA ARG B 202 24.35 35.80 -8.53
C ARG B 202 25.54 34.86 -8.52
N VAL B 203 25.94 34.39 -9.69
CA VAL B 203 27.14 33.57 -9.88
C VAL B 203 27.77 34.04 -11.19
N PRO B 204 28.65 35.04 -11.15
CA PRO B 204 29.27 35.54 -12.40
C PRO B 204 30.11 34.46 -13.05
N PRO B 205 30.03 34.31 -14.36
CA PRO B 205 30.78 33.22 -15.01
C PRO B 205 32.28 33.38 -14.81
N LEU B 206 32.93 32.30 -14.41
CA LEU B 206 34.37 32.25 -14.36
C LEU B 206 34.95 32.14 -15.78
N PRO B 207 36.21 32.53 -15.96
CA PRO B 207 36.80 32.49 -17.30
C PRO B 207 36.87 31.08 -17.88
N ILE B 208 37.02 31.02 -19.21
CA ILE B 208 37.05 29.75 -19.96
C ILE B 208 38.21 29.85 -20.95
N GLU B 209 39.41 29.43 -20.51
CA GLU B 209 40.61 29.44 -21.36
C GLU B 209 41.21 28.02 -21.39
N GLY B 210 40.59 27.12 -22.14
CA GLY B 210 41.16 25.82 -22.38
C GLY B 210 40.53 24.69 -21.57
N PRO B 211 40.70 23.47 -22.04
CA PRO B 211 40.05 22.32 -21.37
C PRO B 211 40.71 21.98 -20.04
N ALA B 212 39.86 21.71 -19.04
CA ALA B 212 40.30 21.42 -17.69
C ALA B 212 40.78 19.97 -17.50
N TRP B 213 40.38 19.03 -18.35
CA TRP B 213 40.87 17.65 -18.26
C TRP B 213 40.38 16.82 -19.44
N PRO B 214 41.18 15.86 -19.91
CA PRO B 214 40.77 15.06 -21.06
C PRO B 214 39.64 14.12 -20.70
N LEU B 215 38.65 14.04 -21.59
CA LEU B 215 37.40 13.38 -21.28
C LEU B 215 36.82 12.73 -22.53
N THR B 216 36.64 11.41 -22.50
CA THR B 216 35.81 10.76 -23.51
C THR B 216 34.51 10.31 -22.86
N VAL B 217 33.44 10.41 -23.64
CA VAL B 217 32.07 10.15 -23.18
C VAL B 217 31.40 9.30 -24.25
N GLN B 218 31.07 8.04 -23.91
CA GLN B 218 30.25 7.20 -24.77
C GLN B 218 28.78 7.62 -24.64
N PRO B 219 28.19 8.28 -25.65
CA PRO B 219 26.95 9.05 -25.39
C PRO B 219 25.71 8.19 -25.15
N GLU B 220 25.69 6.92 -25.58
CA GLU B 220 24.61 6.00 -25.24
C GLU B 220 24.56 5.66 -23.75
N THR B 221 25.44 6.25 -22.95
CA THR B 221 25.33 6.11 -21.51
C THR B 221 24.20 6.94 -20.92
N GLY B 222 23.79 8.00 -21.61
CA GLY B 222 22.70 8.84 -21.14
C GLY B 222 23.13 10.16 -20.56
N VAL B 223 24.44 10.39 -20.43
CA VAL B 223 24.97 11.64 -19.90
C VAL B 223 24.54 12.80 -20.77
N ARG B 224 24.00 13.86 -20.17
CA ARG B 224 23.53 15.01 -20.94
C ARG B 224 24.42 16.24 -20.80
N ARG B 225 25.31 16.26 -19.80
CA ARG B 225 26.27 17.35 -19.60
C ARG B 225 27.34 16.81 -18.66
N PHE B 226 28.60 17.17 -18.92
CA PHE B 226 29.69 16.71 -18.05
C PHE B 226 30.79 17.77 -18.01
N ALA B 227 30.84 18.53 -16.90
CA ALA B 227 31.72 19.68 -16.77
C ALA B 227 32.72 19.48 -15.64
N LEU B 228 33.95 19.95 -15.87
CA LEU B 228 35.02 19.90 -14.88
C LEU B 228 35.68 21.28 -14.78
N ARG B 229 36.03 21.69 -13.55
CA ARG B 229 36.90 22.84 -13.31
C ARG B 229 37.81 22.48 -12.13
N PRO B 230 39.08 22.89 -12.17
CA PRO B 230 39.98 22.59 -11.05
C PRO B 230 40.22 23.76 -10.12
N VAL B 231 40.49 23.46 -8.85
CA VAL B 231 41.00 24.43 -7.89
C VAL B 231 42.31 23.89 -7.33
N ILE B 232 43.36 24.71 -7.39
CA ILE B 232 44.72 24.27 -7.09
C ILE B 232 45.23 24.93 -5.81
N GLY B 233 46.04 24.16 -5.09
CA GLY B 233 46.77 24.66 -3.95
C GLY B 233 45.91 25.08 -2.78
N ILE B 234 44.98 24.24 -2.42
CA ILE B 234 44.11 24.55 -1.30
C ILE B 234 44.76 24.02 -0.02
N ASP B 235 44.58 24.76 1.09
CA ASP B 235 45.06 24.31 2.39
C ASP B 235 44.31 23.06 2.79
N PRO B 236 44.97 21.90 2.88
CA PRO B 236 44.26 20.69 3.30
C PRO B 236 43.83 20.69 4.76
N ALA B 237 44.39 21.56 5.60
CA ALA B 237 44.01 21.61 7.01
C ALA B 237 42.94 22.65 7.32
N ALA B 238 42.57 23.47 6.33
CA ALA B 238 41.45 24.39 6.47
C ALA B 238 40.16 23.63 6.74
N VAL B 239 39.29 24.21 7.58
CA VAL B 239 37.96 23.68 7.83
C VAL B 239 36.91 24.71 7.42
N SER B 240 35.66 24.23 7.31
CA SER B 240 34.65 25.10 6.72
C SER B 240 34.14 26.09 7.75
N PRO B 241 33.81 27.31 7.32
CA PRO B 241 33.31 28.33 8.26
C PRO B 241 32.10 27.82 9.01
N TRP B 242 31.87 28.41 10.19
CA TRP B 242 30.77 27.94 11.01
C TRP B 242 29.43 28.02 10.27
N TRP B 243 29.20 29.09 9.51
CA TRP B 243 27.90 29.23 8.87
C TRP B 243 27.64 28.08 7.94
N LEU B 244 28.68 27.60 7.25
CA LEU B 244 28.53 26.54 6.25
C LEU B 244 28.45 25.17 6.90
N GLN B 245 29.29 24.90 7.91
CA GLN B 245 29.13 23.65 8.65
C GLN B 245 27.74 23.56 9.25
N ARG B 246 27.17 24.71 9.65
CA ARG B 246 25.88 24.74 10.33
C ARG B 246 24.75 24.31 9.40
N ARG B 247 24.63 24.98 8.25
CA ARG B 247 23.54 24.70 7.33
C ARG B 247 23.59 23.26 6.79
N LEU B 248 24.78 22.72 6.54
CA LEU B 248 24.88 21.28 6.36
C LEU B 248 24.31 20.51 7.55
N LEU B 249 24.70 20.87 8.77
CA LEU B 249 24.22 20.10 9.92
C LEU B 249 22.69 20.13 10.02
N LEU B 250 22.09 21.31 9.81
CA LEU B 250 20.64 21.41 9.88
C LEU B 250 19.97 20.62 8.78
N CYS B 251 20.63 20.50 7.62
CA CYS B 251 20.10 19.83 6.46
C CYS B 251 20.35 18.33 6.48
N GLY B 252 21.06 17.83 7.49
CA GLY B 252 21.28 16.41 7.68
C GLY B 252 22.63 15.90 7.25
N ILE B 253 23.52 16.77 6.76
CA ILE B 253 24.79 16.39 6.18
C ILE B 253 25.91 16.78 7.14
N ARG B 254 26.69 15.79 7.55
CA ARG B 254 27.86 15.99 8.39
C ARG B 254 29.03 16.58 7.59
N ALA B 255 29.65 17.63 8.11
CA ALA B 255 30.79 18.26 7.44
C ALA B 255 32.07 17.45 7.65
N THR B 256 32.98 17.54 6.67
CA THR B 256 34.22 16.77 6.75
C THR B 256 35.46 17.60 6.41
N CYS B 257 35.46 18.23 5.23
CA CYS B 257 36.50 19.15 4.83
C CYS B 257 35.88 20.08 3.80
N PRO B 258 36.49 21.23 3.54
CA PRO B 258 35.91 22.14 2.55
C PRO B 258 35.67 21.52 1.18
N ALA B 259 36.61 20.69 0.67
CA ALA B 259 36.38 20.06 -0.63
C ALA B 259 35.02 19.34 -0.68
N VAL B 260 34.77 18.46 0.30
CA VAL B 260 33.50 17.75 0.31
C VAL B 260 32.36 18.71 0.68
N ASP B 261 32.53 19.44 1.79
CA ASP B 261 31.46 20.31 2.27
C ASP B 261 30.95 21.26 1.21
N VAL B 262 31.84 21.89 0.44
CA VAL B 262 31.38 22.85 -0.55
C VAL B 262 30.45 22.16 -1.58
N THR B 263 30.78 20.93 -1.98
CA THR B 263 29.91 20.25 -2.95
C THR B 263 28.55 19.95 -2.32
N ASN B 264 28.53 19.38 -1.11
CA ASN B 264 27.28 19.17 -0.41
C ASN B 264 26.50 20.48 -0.22
N TYR B 265 27.18 21.56 0.16
CA TYR B 265 26.47 22.83 0.24
C TYR B 265 25.85 23.19 -1.11
N VAL B 266 26.66 23.25 -2.17
CA VAL B 266 26.09 23.73 -3.43
C VAL B 266 25.03 22.75 -3.93
N MET B 267 25.14 21.46 -3.58
CA MET B 267 24.07 20.53 -3.90
C MET B 267 22.76 20.96 -3.24
N LEU B 268 22.80 21.38 -1.98
CA LEU B 268 21.59 21.81 -1.32
C LEU B 268 21.12 23.16 -1.83
N GLU B 269 22.03 24.05 -2.21
CA GLU B 269 21.60 25.37 -2.62
C GLU B 269 20.90 25.33 -3.99
N LEU B 270 21.45 24.59 -4.96
CA LEU B 270 20.94 24.61 -6.33
C LEU B 270 20.32 23.30 -6.82
N GLY B 271 20.46 22.21 -6.07
CA GLY B 271 19.92 20.93 -6.47
C GLY B 271 20.79 20.12 -7.40
N HIS B 272 21.90 20.69 -7.88
CA HIS B 272 22.81 20.00 -8.78
C HIS B 272 23.86 19.30 -7.93
N PRO B 273 23.88 17.98 -7.85
CA PRO B 273 24.92 17.31 -7.06
C PRO B 273 26.28 17.65 -7.60
N MET B 274 27.29 17.60 -6.73
CA MET B 274 28.66 17.86 -7.15
C MET B 274 29.58 16.83 -6.52
N HIS B 275 30.77 16.70 -7.06
CA HIS B 275 31.74 15.83 -6.44
C HIS B 275 33.14 16.43 -6.59
N ALA B 276 34.02 16.10 -5.65
CA ALA B 276 35.37 16.61 -5.68
C ALA B 276 36.34 15.44 -5.81
N HIS B 277 37.15 15.47 -6.88
CA HIS B 277 38.23 14.51 -7.11
C HIS B 277 39.57 15.13 -6.73
N ASP B 278 40.40 14.34 -6.04
CA ASP B 278 41.80 14.69 -5.85
C ASP B 278 42.49 14.57 -7.20
N ARG B 279 42.74 15.70 -7.87
CA ARG B 279 43.24 15.65 -9.25
C ARG B 279 44.55 14.89 -9.34
N ASN B 280 45.45 15.10 -8.39
CA ASN B 280 46.71 14.38 -8.48
C ASN B 280 46.56 12.86 -8.35
N ARG B 281 45.38 12.36 -7.99
CA ARG B 281 45.15 10.92 -7.93
C ARG B 281 44.45 10.38 -9.17
N ILE B 282 44.19 11.21 -10.16
CA ILE B 282 43.67 10.79 -11.46
C ILE B 282 44.85 10.43 -12.37
N SER B 283 44.82 9.21 -12.93
CA SER B 283 45.82 8.76 -13.93
C SER B 283 45.22 8.89 -15.33
N GLY B 284 45.58 9.96 -16.02
CA GLY B 284 45.26 10.02 -17.44
C GLY B 284 43.81 10.42 -17.70
N THR B 285 43.29 9.97 -18.83
CA THR B 285 42.03 10.48 -19.34
C THR B 285 40.85 9.95 -18.51
N LEU B 286 39.86 10.81 -18.30
CA LEU B 286 38.63 10.45 -17.60
C LEU B 286 37.65 9.86 -18.58
N GLY B 287 37.16 8.66 -18.28
CA GLY B 287 36.25 8.03 -19.20
C GLY B 287 34.88 7.74 -18.62
N VAL B 288 33.84 8.20 -19.30
CA VAL B 288 32.48 7.75 -19.03
C VAL B 288 32.15 6.54 -19.93
N ARG B 289 31.75 5.43 -19.31
CA ARG B 289 31.44 4.23 -20.05
C ARG B 289 30.58 3.29 -19.21
N PHE B 290 29.82 2.43 -19.89
CA PHE B 290 29.13 1.35 -19.21
C PHE B 290 30.15 0.45 -18.51
N ALA B 291 29.67 -0.29 -17.53
CA ALA B 291 30.51 -1.31 -16.92
C ALA B 291 30.41 -2.59 -17.72
N ARG B 292 31.40 -3.46 -17.56
CA ARG B 292 31.39 -4.77 -18.20
C ARG B 292 30.91 -5.82 -17.20
N SER B 293 30.40 -6.93 -17.74
CA SER B 293 30.02 -8.07 -16.92
C SER B 293 31.11 -8.44 -15.93
N GLY B 294 30.77 -8.44 -14.65
CA GLY B 294 31.68 -8.87 -13.63
C GLY B 294 32.60 -7.81 -13.12
N GLU B 295 32.58 -6.62 -13.72
CA GLU B 295 33.42 -5.53 -13.25
C GLU B 295 33.06 -5.15 -11.81
N THR B 296 33.97 -4.41 -11.18
CA THR B 296 33.92 -4.07 -9.76
C THR B 296 34.47 -2.68 -9.54
N ALA B 297 33.87 -1.97 -8.59
CA ALA B 297 34.47 -0.75 -8.07
C ALA B 297 34.32 -0.68 -6.56
N VAL B 298 35.31 -0.08 -5.91
CA VAL B 298 35.22 0.34 -4.51
C VAL B 298 34.88 1.82 -4.48
N THR B 299 33.73 2.13 -3.89
CA THR B 299 33.19 3.47 -3.66
C THR B 299 33.86 4.13 -2.45
N LEU B 300 33.56 5.43 -2.23
CA LEU B 300 34.18 6.26 -1.18
C LEU B 300 34.28 5.54 0.15
N ASP B 301 33.22 4.85 0.55
CA ASP B 301 33.07 4.16 1.83
C ASP B 301 33.88 2.88 1.91
N GLY B 302 34.74 2.68 0.92
CA GLY B 302 35.64 1.54 0.93
C GLY B 302 34.96 0.19 0.83
N ILE B 303 33.78 0.12 0.23
CA ILE B 303 33.01 -1.12 0.13
C ILE B 303 32.96 -1.50 -1.35
N GLU B 304 33.20 -2.79 -1.63
CA GLU B 304 33.28 -3.31 -2.99
C GLU B 304 31.88 -3.51 -3.55
N ARG B 305 31.60 -2.90 -4.71
CA ARG B 305 30.34 -3.06 -5.43
C ARG B 305 30.50 -4.03 -6.60
N LYS B 306 29.54 -4.93 -6.74
CA LYS B 306 29.50 -5.80 -7.92
C LYS B 306 28.67 -5.10 -8.99
N LEU B 307 29.29 -4.76 -10.10
CA LEU B 307 28.61 -3.88 -11.05
C LEU B 307 27.81 -4.67 -12.09
N ASP B 308 26.99 -3.93 -12.82
CA ASP B 308 26.01 -4.45 -13.75
C ASP B 308 26.20 -3.72 -15.08
N THR B 309 26.01 -4.42 -16.20
CA THR B 309 26.38 -3.83 -17.49
C THR B 309 25.54 -2.63 -17.86
N ALA B 310 24.62 -2.19 -17.00
CA ALA B 310 23.83 -1.01 -17.24
C ALA B 310 24.20 0.14 -16.31
N ASP B 311 25.19 -0.07 -15.43
CA ASP B 311 25.73 0.96 -14.54
C ASP B 311 26.74 1.80 -15.30
N VAL B 312 26.46 3.08 -15.50
CA VAL B 312 27.45 3.99 -16.06
C VAL B 312 28.57 4.25 -15.05
N LEU B 313 29.82 4.29 -15.52
CA LEU B 313 30.99 4.56 -14.68
C LEU B 313 31.76 5.80 -15.16
N ILE B 314 32.56 6.36 -14.25
CA ILE B 314 33.68 7.23 -14.58
C ILE B 314 34.95 6.46 -14.25
N VAL B 315 35.82 6.27 -15.25
CA VAL B 315 37.08 5.57 -15.07
C VAL B 315 38.23 6.47 -15.54
N ASP B 316 39.43 6.12 -15.09
CA ASP B 316 40.65 6.67 -15.68
C ASP B 316 41.53 5.48 -16.14
N ASP B 317 42.75 5.79 -16.61
CA ASP B 317 43.67 4.73 -17.04
C ASP B 317 43.92 3.71 -15.92
N ALA B 318 43.80 4.13 -14.66
CA ALA B 318 44.17 3.28 -13.54
C ALA B 318 43.00 2.49 -13.00
N ALA B 319 41.91 3.17 -12.66
CA ALA B 319 40.80 2.47 -12.04
C ALA B 319 39.52 3.29 -12.19
N THR B 320 38.53 2.95 -11.38
CA THR B 320 37.21 3.59 -11.43
C THR B 320 37.17 4.79 -10.48
N ALA B 321 36.65 5.90 -10.97
CA ALA B 321 36.52 7.12 -10.20
C ALA B 321 35.14 7.28 -9.60
N ALA B 322 34.09 6.80 -10.27
CA ALA B 322 32.73 7.10 -9.87
C ALA B 322 31.78 6.15 -10.55
N ILE B 323 30.90 5.53 -9.76
CA ILE B 323 29.65 5.01 -10.28
C ILE B 323 28.77 6.21 -10.55
N GLY B 324 28.78 6.71 -11.79
CA GLY B 324 28.18 7.98 -12.15
C GLY B 324 26.78 8.20 -11.63
N GLY B 325 26.57 9.34 -10.98
CA GLY B 325 25.28 9.67 -10.40
C GLY B 325 24.95 9.03 -9.07
N VAL B 326 25.80 8.16 -8.53
CA VAL B 326 25.46 7.44 -7.31
C VAL B 326 26.45 7.73 -6.20
N MET B 327 27.74 7.46 -6.44
CA MET B 327 28.75 7.70 -5.43
C MET B 327 30.12 7.66 -6.08
N GLY B 328 30.98 8.62 -5.74
CA GLY B 328 32.36 8.55 -6.16
C GLY B 328 33.05 7.30 -5.63
N ALA B 329 34.28 7.12 -6.07
CA ALA B 329 35.06 5.97 -5.67
C ALA B 329 36.23 6.39 -4.81
N ALA B 330 36.81 5.40 -4.13
CA ALA B 330 38.01 5.63 -3.34
C ALA B 330 39.16 6.17 -4.19
N SER B 331 39.36 5.63 -5.39
CA SER B 331 40.58 5.91 -6.14
C SER B 331 40.84 7.40 -6.31
N THR B 332 39.80 8.21 -6.50
CA THR B 332 40.00 9.66 -6.61
C THR B 332 39.40 10.45 -5.44
N GLU B 333 39.12 9.78 -4.33
CA GLU B 333 38.49 10.46 -3.19
C GLU B 333 39.41 11.53 -2.59
N VAL B 334 38.82 12.67 -2.21
CA VAL B 334 39.57 13.68 -1.47
C VAL B 334 39.98 13.13 -0.12
N ARG B 335 41.21 13.39 0.27
CA ARG B 335 41.73 12.88 1.53
C ARG B 335 42.33 14.04 2.32
N ALA B 336 42.95 13.68 3.45
CA ALA B 336 43.46 14.70 4.35
C ALA B 336 44.55 15.54 3.69
N ASP B 337 45.28 14.96 2.73
CA ASP B 337 46.45 15.59 2.13
C ASP B 337 46.20 16.15 0.74
N SER B 338 44.94 16.39 0.38
CA SER B 338 44.59 16.75 -0.98
C SER B 338 44.77 18.24 -1.20
N THR B 339 45.64 18.62 -2.15
CA THR B 339 45.94 20.03 -2.38
C THR B 339 45.31 20.56 -3.65
N ASP B 340 45.00 19.70 -4.61
CA ASP B 340 44.55 20.13 -5.92
C ASP B 340 43.31 19.34 -6.27
N VAL B 341 42.23 20.05 -6.57
CA VAL B 341 40.92 19.42 -6.63
C VAL B 341 40.37 19.63 -8.03
N LEU B 342 39.74 18.58 -8.56
CA LEU B 342 38.98 18.62 -9.80
C LEU B 342 37.52 18.34 -9.48
N LEU B 343 36.64 19.26 -9.89
CA LEU B 343 35.24 19.25 -9.44
C LEU B 343 34.35 18.77 -10.58
N GLU B 344 33.63 17.68 -10.34
CA GLU B 344 32.72 17.05 -11.28
C GLU B 344 31.34 17.66 -11.17
N ALA B 345 30.79 18.12 -12.29
CA ALA B 345 29.43 18.69 -12.34
C ALA B 345 28.69 18.06 -13.50
N ALA B 346 28.09 16.88 -13.26
CA ALA B 346 27.50 16.07 -14.32
C ALA B 346 25.99 15.96 -14.19
N ILE B 347 25.36 15.53 -15.29
CA ILE B 347 23.93 15.27 -15.40
C ILE B 347 23.76 13.86 -15.96
N TRP B 348 23.31 12.94 -15.13
CA TRP B 348 23.24 11.56 -15.56
C TRP B 348 21.83 11.25 -16.06
N ASP B 349 21.66 10.03 -16.54
CA ASP B 349 20.37 9.65 -17.07
C ASP B 349 19.47 9.21 -15.91
N PRO B 350 18.31 9.84 -15.72
CA PRO B 350 17.48 9.51 -14.55
C PRO B 350 17.22 8.02 -14.39
N ALA B 351 16.75 7.35 -15.44
CA ALA B 351 16.42 5.94 -15.29
C ALA B 351 17.67 5.11 -15.02
N ALA B 352 18.81 5.53 -15.56
CA ALA B 352 20.05 4.82 -15.29
C ALA B 352 20.40 4.85 -13.81
N VAL B 353 20.34 6.05 -13.21
CA VAL B 353 20.72 6.18 -11.81
C VAL B 353 19.75 5.40 -10.93
N SER B 354 18.46 5.52 -11.21
CA SER B 354 17.43 4.78 -10.47
C SER B 354 17.74 3.30 -10.46
N ARG B 355 17.93 2.72 -11.66
CA ARG B 355 18.24 1.30 -11.74
C ARG B 355 19.44 0.98 -10.87
N THR B 356 20.55 1.71 -11.06
CA THR B 356 21.81 1.37 -10.40
C THR B 356 21.69 1.51 -8.89
N GLN B 357 21.06 2.58 -8.42
CA GLN B 357 21.06 2.82 -6.97
C GLN B 357 20.18 1.81 -6.23
N ARG B 358 19.08 1.39 -6.85
CA ARG B 358 18.21 0.38 -6.24
C ARG B 358 18.94 -0.97 -6.17
N ARG B 359 19.71 -1.29 -7.21
N ARG B 359 19.69 -1.28 -7.22
CA ARG B 359 20.42 -2.57 -7.23
CA ARG B 359 20.46 -2.52 -7.30
C ARG B 359 21.50 -2.63 -6.16
C ARG B 359 21.54 -2.63 -6.22
N LEU B 360 22.25 -1.53 -5.99
CA LEU B 360 23.32 -1.51 -4.99
C LEU B 360 22.88 -1.05 -3.60
N HIS B 361 21.63 -0.61 -3.42
CA HIS B 361 21.15 -0.05 -2.16
C HIS B 361 22.03 1.11 -1.74
N LEU B 362 22.14 2.11 -2.63
CA LEU B 362 22.87 3.34 -2.37
C LEU B 362 22.00 4.52 -2.76
N PRO B 363 20.96 4.81 -1.98
CA PRO B 363 20.13 6.01 -2.19
C PRO B 363 20.80 7.30 -1.71
N SER B 364 21.99 7.58 -2.25
CA SER B 364 22.77 8.76 -1.90
C SER B 364 21.98 10.05 -2.12
N GLU B 365 22.44 11.12 -1.47
CA GLU B 365 21.84 12.42 -1.75
C GLU B 365 21.96 12.77 -3.20
N ALA B 366 23.06 12.36 -3.84
CA ALA B 366 23.22 12.59 -5.27
C ALA B 366 22.22 11.77 -6.07
N ALA B 367 22.09 10.49 -5.74
CA ALA B 367 21.25 9.59 -6.53
C ALA B 367 19.81 10.09 -6.58
N ARG B 368 19.26 10.43 -5.41
CA ARG B 368 17.83 10.71 -5.33
C ARG B 368 17.46 11.95 -6.14
N ARG B 369 18.39 12.88 -6.31
CA ARG B 369 18.11 14.05 -7.13
C ARG B 369 18.23 13.70 -8.62
N TYR B 370 19.23 12.89 -9.00
CA TYR B 370 19.40 12.51 -10.41
C TYR B 370 18.25 11.64 -10.89
N GLU B 371 17.72 10.76 -10.01
CA GLU B 371 16.51 9.99 -10.32
C GLU B 371 15.39 10.89 -10.83
N ARG B 372 15.22 12.05 -10.21
CA ARG B 372 14.07 12.91 -10.49
C ARG B 372 14.42 14.03 -11.44
N THR B 373 15.56 13.90 -12.13
CA THR B 373 16.05 14.82 -13.15
C THR B 373 16.55 16.16 -12.62
N VAL B 374 17.84 16.43 -12.84
CA VAL B 374 18.50 17.66 -12.42
C VAL B 374 18.56 18.66 -13.57
N ASP B 375 18.45 19.95 -13.24
CA ASP B 375 18.36 20.99 -14.26
C ASP B 375 19.67 21.04 -15.01
N PRO B 376 19.73 20.57 -16.26
CA PRO B 376 21.03 20.52 -16.93
C PRO B 376 21.56 21.88 -17.30
N ALA B 377 20.72 22.92 -17.25
CA ALA B 377 21.17 24.22 -17.70
C ALA B 377 22.08 24.93 -16.70
N ILE B 378 22.23 24.42 -15.48
CA ILE B 378 22.96 25.15 -14.44
C ILE B 378 24.23 24.42 -14.00
N SER B 379 24.76 23.48 -14.80
CA SER B 379 25.91 22.74 -14.32
C SER B 379 27.14 23.62 -14.16
N VAL B 380 27.41 24.46 -15.17
CA VAL B 380 28.61 25.29 -15.08
C VAL B 380 28.44 26.33 -13.99
N ALA B 381 27.22 26.88 -13.85
CA ALA B 381 26.98 27.85 -12.79
C ALA B 381 27.18 27.22 -11.42
N ALA B 382 26.72 25.98 -11.23
CA ALA B 382 26.96 25.29 -9.97
C ALA B 382 28.43 24.92 -9.81
N LEU B 383 29.09 24.54 -10.91
CA LEU B 383 30.52 24.26 -10.88
C LEU B 383 31.32 25.51 -10.53
N ASP B 384 30.98 26.64 -11.14
CA ASP B 384 31.65 27.90 -10.84
C ASP B 384 31.35 28.35 -9.40
N ARG B 385 30.06 28.35 -9.03
CA ARG B 385 29.69 28.68 -7.66
C ARG B 385 30.48 27.85 -6.67
N CYS B 386 30.62 26.57 -6.97
CA CYS B 386 31.27 25.64 -6.07
C CYS B 386 32.79 25.83 -6.09
N ALA B 387 33.34 26.33 -7.19
CA ALA B 387 34.79 26.50 -7.25
C ALA B 387 35.22 27.74 -6.50
N ARG B 388 34.59 28.89 -6.77
CA ARG B 388 34.88 30.12 -6.02
C ARG B 388 34.77 29.90 -4.53
N LEU B 389 33.68 29.28 -4.09
CA LEU B 389 33.47 29.06 -2.68
C LEU B 389 34.58 28.22 -2.07
N LEU B 390 35.06 27.19 -2.78
CA LEU B 390 36.16 26.38 -2.25
C LEU B 390 37.43 27.19 -2.09
N ALA B 391 37.86 27.86 -3.16
CA ALA B 391 39.03 28.73 -3.08
C ALA B 391 38.86 29.75 -1.97
N ASP B 392 37.67 30.32 -1.85
CA ASP B 392 37.41 31.34 -0.83
C ASP B 392 37.62 30.80 0.59
N ILE B 393 37.25 29.55 0.85
CA ILE B 393 37.38 28.99 2.19
C ILE B 393 38.77 28.45 2.45
N ALA B 394 39.25 27.53 1.59
CA ALA B 394 40.49 26.79 1.83
C ALA B 394 41.70 27.40 1.11
N GLY B 395 41.53 28.56 0.48
CA GLY B 395 42.64 29.40 0.07
C GLY B 395 43.49 28.85 -1.04
N GLY B 396 42.87 28.41 -2.12
CA GLY B 396 43.63 28.02 -3.28
C GLY B 396 43.33 29.00 -4.38
N GLU B 397 43.48 28.60 -5.65
CA GLU B 397 43.00 29.41 -6.76
C GLU B 397 42.30 28.56 -7.82
N VAL B 398 41.41 29.22 -8.52
CA VAL B 398 40.47 28.58 -9.42
C VAL B 398 41.05 28.74 -10.82
N SER B 399 41.59 27.65 -11.37
CA SER B 399 42.15 27.69 -12.72
C SER B 399 41.08 28.13 -13.71
N PRO B 400 41.45 28.88 -14.76
CA PRO B 400 40.46 29.27 -15.76
C PRO B 400 40.21 28.20 -16.80
N THR B 401 40.84 27.04 -16.66
CA THR B 401 40.49 25.90 -17.49
C THR B 401 39.09 25.41 -17.12
N LEU B 402 38.41 24.83 -18.12
CA LEU B 402 37.03 24.35 -18.00
C LEU B 402 36.74 23.34 -19.10
N THR B 403 36.35 22.13 -18.72
CA THR B 403 35.74 21.16 -19.64
C THR B 403 34.22 21.23 -19.49
N ASP B 404 33.49 21.10 -20.62
CA ASP B 404 32.01 21.19 -20.57
C ASP B 404 31.42 20.44 -21.77
N TRP B 405 31.43 19.12 -21.67
CA TRP B 405 30.79 18.25 -22.65
C TRP B 405 29.28 18.37 -22.54
N ARG B 406 28.62 18.69 -23.65
CA ARG B 406 27.17 18.90 -23.63
C ARG B 406 26.46 18.00 -24.64
N GLY B 407 27.02 16.82 -24.89
CA GLY B 407 26.48 15.92 -25.88
C GLY B 407 27.11 16.08 -27.26
N ASP B 408 26.88 15.09 -28.11
CA ASP B 408 27.36 15.10 -29.49
C ASP B 408 26.19 14.98 -30.46
N PRO B 409 25.84 16.06 -31.19
CA PRO B 409 26.42 17.40 -31.07
C PRO B 409 25.95 18.13 -29.82
N PRO B 410 26.68 19.17 -29.44
CA PRO B 410 26.35 19.88 -28.21
C PRO B 410 24.93 20.44 -28.22
N CYS B 411 24.27 20.34 -27.07
CA CYS B 411 22.99 20.95 -26.84
C CYS B 411 23.24 22.37 -26.34
N ASP B 412 22.60 23.36 -26.97
CA ASP B 412 22.69 24.74 -26.53
C ASP B 412 21.39 25.29 -25.98
N ASP B 413 20.31 24.52 -26.02
CA ASP B 413 19.03 24.97 -25.48
C ASP B 413 18.42 23.77 -24.77
N TRP B 414 18.29 23.86 -23.45
CA TRP B 414 17.78 22.76 -22.64
C TRP B 414 16.28 22.84 -22.40
N SER B 415 15.59 23.78 -23.02
CA SER B 415 14.16 23.92 -22.79
C SER B 415 13.41 22.73 -23.38
N PRO B 416 12.39 22.22 -22.70
CA PRO B 416 11.56 21.13 -23.24
C PRO B 416 10.80 21.59 -24.46
N PRO B 417 10.11 20.71 -25.16
CA PRO B 417 9.23 21.12 -26.25
C PRO B 417 8.10 21.99 -25.70
N PRO B 418 7.56 22.88 -26.52
CA PRO B 418 6.42 23.71 -26.07
C PRO B 418 5.16 22.86 -26.00
N ILE B 419 4.31 23.20 -25.03
CA ILE B 419 3.02 22.58 -24.83
C ILE B 419 1.96 23.59 -25.21
N ARG B 420 0.84 23.09 -25.70
CA ARG B 420 -0.13 23.88 -26.43
C ARG B 420 -1.50 23.59 -25.83
N MET B 421 -2.14 24.61 -25.27
CA MET B 421 -3.30 24.42 -24.41
C MET B 421 -4.21 25.62 -24.50
N GLY B 422 -5.52 25.37 -24.38
CA GLY B 422 -6.48 26.46 -24.42
C GLY B 422 -6.44 27.28 -23.15
N VAL B 423 -6.58 28.61 -23.32
CA VAL B 423 -6.39 29.57 -22.23
C VAL B 423 -7.25 29.23 -21.02
N ASP B 424 -8.39 28.58 -21.22
CA ASP B 424 -9.30 28.34 -20.11
C ASP B 424 -9.41 26.87 -19.74
N VAL B 425 -8.59 26.01 -20.31
CA VAL B 425 -8.56 24.59 -19.94
C VAL B 425 -8.40 24.42 -18.43
N PRO B 426 -7.54 25.19 -17.73
CA PRO B 426 -7.53 25.06 -16.28
C PRO B 426 -8.88 25.34 -15.67
N ASP B 427 -9.63 26.30 -16.21
CA ASP B 427 -10.93 26.63 -15.65
C ASP B 427 -11.90 25.46 -15.76
N ARG B 428 -11.92 24.78 -16.91
CA ARG B 428 -12.78 23.61 -17.11
C ARG B 428 -12.55 22.57 -16.05
N ILE B 429 -11.29 22.18 -15.97
CA ILE B 429 -10.91 21.03 -15.19
C ILE B 429 -11.14 21.31 -13.73
N ALA B 430 -10.89 22.52 -13.30
CA ALA B 430 -11.18 22.84 -11.91
C ALA B 430 -12.67 23.02 -11.66
N GLY B 431 -13.47 23.36 -12.68
CA GLY B 431 -14.84 23.74 -12.43
C GLY B 431 -14.96 25.10 -11.79
N VAL B 432 -13.98 25.97 -12.04
CA VAL B 432 -13.91 27.30 -11.46
C VAL B 432 -13.58 28.26 -12.59
N ALA B 433 -14.18 29.45 -12.56
CA ALA B 433 -13.79 30.51 -13.49
C ALA B 433 -12.73 31.34 -12.78
N TYR B 434 -11.48 31.12 -13.14
CA TYR B 434 -10.41 31.90 -12.56
C TYR B 434 -10.40 33.30 -13.17
N PRO B 435 -9.99 34.31 -12.41
CA PRO B 435 -9.91 35.68 -12.95
C PRO B 435 -9.01 35.74 -14.18
N GLN B 436 -9.35 36.65 -15.09
CA GLN B 436 -8.73 36.64 -16.42
C GLN B 436 -7.22 36.82 -16.30
N GLY B 437 -6.48 36.05 -17.10
CA GLY B 437 -5.03 36.04 -17.08
C GLY B 437 -4.38 35.23 -15.98
N THR B 438 -5.16 34.59 -15.10
CA THR B 438 -4.62 33.77 -14.01
C THR B 438 -3.67 32.71 -14.54
N THR B 439 -4.24 31.74 -15.25
CA THR B 439 -3.53 30.74 -16.03
C THR B 439 -2.27 31.21 -16.73
N ALA B 440 -2.24 32.42 -17.32
CA ALA B 440 -0.99 32.85 -17.95
C ALA B 440 0.02 33.34 -16.92
N ARG B 441 -0.43 34.05 -15.88
CA ARG B 441 0.50 34.55 -14.88
C ARG B 441 1.14 33.41 -14.10
N ARG B 442 0.37 32.38 -13.78
CA ARG B 442 0.92 31.29 -12.96
C ARG B 442 1.92 30.47 -13.76
N LEU B 443 1.63 30.23 -15.04
CA LEU B 443 2.60 29.53 -15.86
C LEU B 443 3.85 30.37 -16.07
N ALA B 444 3.74 31.70 -16.02
CA ALA B 444 4.94 32.53 -16.06
C ALA B 444 5.71 32.42 -14.76
N GLN B 445 4.99 32.37 -13.64
CA GLN B 445 5.64 32.36 -12.33
C GLN B 445 6.53 31.12 -12.16
N ILE B 446 6.07 29.96 -12.61
CA ILE B 446 6.91 28.77 -12.49
C ILE B 446 8.10 28.83 -13.42
N GLY B 447 8.16 29.85 -14.27
CA GLY B 447 9.28 30.06 -15.17
C GLY B 447 9.06 29.63 -16.60
N ALA B 448 7.83 29.50 -17.05
CA ALA B 448 7.63 29.11 -18.44
C ALA B 448 7.48 30.34 -19.33
N VAL B 449 7.59 30.12 -20.62
CA VAL B 449 7.44 31.19 -21.61
C VAL B 449 6.03 31.06 -22.16
N VAL B 450 5.16 32.02 -21.86
CA VAL B 450 3.76 31.98 -22.28
C VAL B 450 3.52 33.03 -23.37
N THR B 451 3.00 32.59 -24.50
CA THR B 451 2.72 33.43 -25.66
C THR B 451 1.27 33.21 -26.07
N HIS B 452 0.58 34.27 -26.45
CA HIS B 452 -0.84 34.10 -26.58
C HIS B 452 -1.15 33.99 -28.00
N ASP B 453 -2.29 33.38 -28.34
CA ASP B 453 -2.66 33.29 -29.76
C ASP B 453 -4.16 33.12 -29.90
N GLY B 454 -4.90 34.16 -29.53
CA GLY B 454 -6.34 34.09 -29.54
C GLY B 454 -6.90 33.46 -28.30
N ASP B 455 -7.27 32.18 -28.39
CA ASP B 455 -7.76 31.42 -27.25
C ASP B 455 -6.83 30.26 -26.92
N THR B 456 -5.59 30.31 -27.40
CA THR B 456 -4.71 29.14 -27.37
C THR B 456 -3.33 29.58 -26.91
N LEU B 457 -2.91 29.10 -25.75
CA LEU B 457 -1.63 29.46 -25.16
C LEU B 457 -0.54 28.54 -25.70
N THR B 458 0.65 29.10 -25.91
CA THR B 458 1.83 28.29 -26.22
C THR B 458 2.82 28.47 -25.06
N VAL B 459 3.16 27.37 -24.42
CA VAL B 459 3.84 27.38 -23.12
C VAL B 459 5.12 26.57 -23.24
N THR B 460 6.27 27.24 -23.19
CA THR B 460 7.52 26.49 -23.11
C THR B 460 7.97 26.44 -21.65
N PRO B 461 7.89 25.29 -20.99
CA PRO B 461 8.32 25.20 -19.60
C PRO B 461 9.82 25.39 -19.48
N PRO B 462 10.32 25.66 -18.28
CA PRO B 462 11.76 25.87 -18.08
C PRO B 462 12.50 24.57 -17.87
N SER B 463 13.82 24.67 -17.95
CA SER B 463 14.65 23.46 -18.03
C SER B 463 14.59 22.63 -16.75
N TRP B 464 14.34 23.24 -15.60
CA TRP B 464 14.28 22.45 -14.37
C TRP B 464 12.95 21.76 -14.18
N ARG B 465 12.00 21.92 -15.11
CA ARG B 465 10.68 21.29 -14.99
C ARG B 465 10.45 20.25 -16.09
N PRO B 466 11.16 19.12 -16.09
CA PRO B 466 10.88 18.09 -17.09
C PRO B 466 9.58 17.35 -16.84
N ASP B 467 8.87 17.65 -15.75
CA ASP B 467 7.59 17.02 -15.48
C ASP B 467 6.43 17.71 -16.20
N LEU B 468 6.68 18.88 -16.80
CA LEU B 468 5.63 19.63 -17.48
C LEU B 468 5.69 19.26 -18.96
N ARG B 469 4.90 18.23 -19.33
CA ARG B 469 4.88 17.75 -20.70
C ARG B 469 3.52 17.71 -21.39
N GLN B 470 2.38 17.91 -20.68
CA GLN B 470 1.15 17.98 -21.48
C GLN B 470 0.30 19.02 -20.85
N PRO B 471 -0.87 19.42 -21.41
CA PRO B 471 -1.74 20.36 -20.65
C PRO B 471 -2.19 19.94 -19.24
N ALA B 472 -2.47 18.66 -19.02
CA ALA B 472 -2.75 18.19 -17.67
C ALA B 472 -1.68 18.64 -16.68
N ASP B 473 -0.42 18.54 -17.07
CA ASP B 473 0.66 19.05 -16.22
C ASP B 473 0.50 20.53 -15.97
N LEU B 474 0.13 21.31 -17.00
CA LEU B 474 -0.02 22.74 -16.79
C LEU B 474 -1.23 23.05 -15.90
N VAL B 475 -2.30 22.26 -16.03
CA VAL B 475 -3.47 22.48 -15.19
C VAL B 475 -3.08 22.38 -13.72
N GLU B 476 -2.40 21.29 -13.34
CA GLU B 476 -2.08 21.10 -11.92
C GLU B 476 -1.30 22.28 -11.37
N GLU B 477 -0.46 22.91 -12.20
CA GLU B 477 0.28 24.09 -11.76
C GLU B 477 -0.68 25.22 -11.37
N VAL B 478 -1.51 25.66 -12.30
CA VAL B 478 -2.47 26.72 -12.01
C VAL B 478 -3.32 26.35 -10.80
N LEU B 479 -3.87 25.13 -10.80
CA LEU B 479 -4.84 24.78 -9.76
C LEU B 479 -4.21 24.76 -8.39
N ARG B 480 -2.97 24.27 -8.26
CA ARG B 480 -2.34 24.20 -6.94
C ARG B 480 -1.93 25.58 -6.44
N LEU B 481 -1.62 26.51 -7.33
CA LEU B 481 -1.21 27.83 -6.89
C LEU B 481 -2.40 28.67 -6.44
N GLU B 482 -3.53 28.55 -7.13
CA GLU B 482 -4.74 29.24 -6.68
C GLU B 482 -5.32 28.60 -5.43
N GLY B 483 -5.05 27.33 -5.22
CA GLY B 483 -5.61 26.60 -4.09
C GLY B 483 -6.67 25.63 -4.59
N LEU B 484 -6.65 24.43 -4.04
CA LEU B 484 -7.69 23.47 -4.40
C LEU B 484 -8.95 23.74 -3.60
N GLU B 485 -8.83 24.37 -2.43
CA GLU B 485 -9.98 24.67 -1.59
C GLU B 485 -11.06 25.50 -2.29
N VAL B 486 -10.72 26.23 -3.36
CA VAL B 486 -11.71 27.04 -4.05
C VAL B 486 -12.53 26.26 -5.05
N ILE B 487 -12.33 24.95 -5.14
CA ILE B 487 -13.08 24.14 -6.07
C ILE B 487 -14.37 23.69 -5.38
N PRO B 488 -15.53 23.88 -6.01
CA PRO B 488 -16.81 23.57 -5.37
C PRO B 488 -17.09 22.08 -5.33
N SER B 489 -18.20 21.74 -4.68
CA SER B 489 -18.61 20.36 -4.44
C SER B 489 -19.93 20.12 -5.19
N VAL B 490 -19.82 19.66 -6.42
CA VAL B 490 -20.96 19.48 -7.33
C VAL B 490 -21.15 18.00 -7.63
N LEU B 491 -22.27 17.43 -7.19
CA LEU B 491 -22.58 16.04 -7.50
C LEU B 491 -22.83 15.91 -9.00
N PRO B 492 -22.25 14.93 -9.67
CA PRO B 492 -22.47 14.79 -11.12
C PRO B 492 -23.76 14.05 -11.40
N PRO B 493 -24.37 14.29 -12.55
CA PRO B 493 -25.47 13.43 -12.97
C PRO B 493 -24.94 12.04 -13.32
N ALA B 494 -25.21 11.04 -12.40
CA ALA B 494 -24.79 9.70 -12.78
C ALA B 494 -25.95 8.94 -13.42
N PRO B 495 -25.70 8.07 -14.39
CA PRO B 495 -26.81 7.51 -15.18
C PRO B 495 -27.50 6.40 -14.41
N ALA B 496 -28.62 5.95 -14.99
CA ALA B 496 -29.33 4.81 -14.43
C ALA B 496 -28.39 3.62 -14.35
N GLY B 497 -27.95 3.27 -13.15
CA GLY B 497 -27.17 2.07 -13.00
C GLY B 497 -28.03 0.82 -13.06
N ARG B 498 -27.38 -0.29 -13.39
CA ARG B 498 -28.04 -1.58 -13.33
C ARG B 498 -27.93 -2.21 -11.93
N GLY B 499 -27.21 -1.58 -11.00
CA GLY B 499 -27.06 -2.14 -9.66
C GLY B 499 -26.08 -3.31 -9.64
N LEU B 500 -26.31 -4.22 -8.71
CA LEU B 500 -25.42 -5.37 -8.56
C LEU B 500 -25.73 -6.47 -9.58
N THR B 501 -24.71 -7.26 -9.90
CA THR B 501 -24.86 -8.39 -10.83
C THR B 501 -25.30 -9.64 -10.07
N ALA B 502 -25.73 -10.67 -10.81
CA ALA B 502 -26.22 -11.88 -10.15
C ALA B 502 -25.13 -12.50 -9.27
N GLY B 503 -23.90 -12.55 -9.77
CA GLY B 503 -22.83 -13.16 -9.00
C GLY B 503 -22.47 -12.35 -7.77
N GLN B 504 -22.54 -11.03 -7.89
CA GLN B 504 -22.29 -10.19 -6.73
C GLN B 504 -23.35 -10.42 -5.66
N GLN B 505 -24.62 -10.57 -6.09
CA GLN B 505 -25.69 -10.87 -5.15
C GLN B 505 -25.49 -12.25 -4.53
N ARG B 506 -25.00 -13.21 -5.32
N ARG B 506 -25.00 -13.21 -5.32
CA ARG B 506 -24.87 -14.57 -4.83
CA ARG B 506 -24.90 -14.57 -4.79
C ARG B 506 -23.82 -14.66 -3.73
C ARG B 506 -23.85 -14.66 -3.70
N ARG B 507 -22.72 -13.90 -3.85
N ARG B 507 -22.77 -13.90 -3.82
CA ARG B 507 -21.71 -13.91 -2.80
CA ARG B 507 -21.73 -13.93 -2.80
C ARG B 507 -22.25 -13.28 -1.52
C ARG B 507 -22.22 -13.25 -1.52
N ARG B 508 -23.02 -12.20 -1.64
CA ARG B 508 -23.63 -11.63 -0.45
C ARG B 508 -24.56 -12.63 0.21
N THR B 509 -25.36 -13.34 -0.59
CA THR B 509 -26.33 -14.25 0.00
C THR B 509 -25.66 -15.49 0.57
N ILE B 510 -24.58 -15.94 -0.05
CA ILE B 510 -23.84 -17.04 0.54
C ILE B 510 -23.25 -16.61 1.88
N GLY B 511 -22.84 -15.34 1.98
CA GLY B 511 -22.25 -14.85 3.22
C GLY B 511 -23.26 -14.70 4.35
N ARG B 512 -24.39 -14.03 4.07
CA ARG B 512 -25.49 -14.01 5.05
C ARG B 512 -25.88 -15.42 5.45
N SER B 513 -26.04 -16.31 4.48
CA SER B 513 -26.62 -17.61 4.80
C SER B 513 -25.70 -18.43 5.70
N LEU B 514 -24.40 -18.39 5.41
CA LEU B 514 -23.46 -19.12 6.26
C LEU B 514 -23.35 -18.46 7.62
N ALA B 515 -23.24 -17.13 7.63
CA ALA B 515 -23.05 -16.42 8.89
C ALA B 515 -24.21 -16.72 9.85
N LEU B 516 -25.44 -16.66 9.36
CA LEU B 516 -26.59 -17.01 10.19
C LEU B 516 -26.50 -18.41 10.75
N SER B 517 -25.92 -19.33 10.00
CA SER B 517 -25.88 -20.68 10.50
C SER B 517 -24.71 -20.92 11.43
N GLY B 518 -23.96 -19.88 11.76
CA GLY B 518 -22.94 -19.97 12.80
C GLY B 518 -21.51 -19.86 12.32
N TYR B 519 -21.27 -19.62 11.05
CA TYR B 519 -19.93 -19.55 10.53
C TYR B 519 -19.41 -18.12 10.67
N VAL B 520 -18.11 -17.99 10.93
CA VAL B 520 -17.40 -16.71 11.07
C VAL B 520 -16.45 -16.54 9.89
N GLU B 521 -16.69 -15.54 9.06
CA GLU B 521 -15.82 -15.30 7.91
C GLU B 521 -14.45 -14.84 8.37
N ILE B 522 -13.42 -15.33 7.69
CA ILE B 522 -12.04 -14.88 7.82
C ILE B 522 -11.62 -14.26 6.50
N LEU B 523 -10.54 -13.51 6.53
CA LEU B 523 -9.93 -13.06 5.29
C LEU B 523 -8.74 -13.98 5.01
N PRO B 524 -8.87 -14.94 4.09
CA PRO B 524 -7.78 -15.92 3.90
C PRO B 524 -6.52 -15.28 3.34
N THR B 525 -5.35 -15.75 3.86
CA THR B 525 -4.13 -15.35 3.19
C THR B 525 -3.95 -16.13 1.90
N PRO B 526 -3.48 -15.49 0.84
CA PRO B 526 -3.20 -16.22 -0.40
C PRO B 526 -1.88 -16.95 -0.37
N PHE B 527 -1.01 -16.70 0.62
CA PHE B 527 0.32 -17.30 0.68
C PHE B 527 0.27 -18.60 1.46
N LEU B 528 0.48 -19.72 0.79
CA LEU B 528 0.28 -21.02 1.42
C LEU B 528 1.29 -21.23 2.55
N PRO B 529 0.95 -22.08 3.50
CA PRO B 529 1.96 -22.54 4.47
C PRO B 529 3.03 -23.36 3.78
N ALA B 530 4.15 -23.53 4.48
CA ALA B 530 5.24 -24.34 3.95
C ALA B 530 4.85 -25.82 3.96
N GLY B 531 4.96 -26.47 2.80
CA GLY B 531 4.79 -27.91 2.71
C GLY B 531 3.43 -28.42 3.13
N VAL B 532 2.40 -27.56 3.09
CA VAL B 532 1.06 -28.00 3.44
C VAL B 532 0.69 -29.26 2.68
N PHE B 533 1.05 -29.33 1.39
CA PHE B 533 0.63 -30.49 0.61
C PHE B 533 1.42 -31.74 0.99
N ASP B 534 2.66 -31.60 1.48
CA ASP B 534 3.38 -32.73 2.06
C ASP B 534 2.71 -33.20 3.34
N LEU B 535 2.23 -32.25 4.16
CA LEU B 535 1.35 -32.57 5.29
C LEU B 535 0.08 -33.31 4.87
N TRP B 536 -0.59 -32.85 3.81
CA TRP B 536 -1.81 -33.54 3.38
C TRP B 536 -1.51 -34.88 2.74
N GLY B 537 -0.27 -35.12 2.32
CA GLY B 537 0.03 -36.34 1.62
C GLY B 537 -0.45 -36.38 0.19
N LEU B 538 -0.54 -35.22 -0.46
CA LEU B 538 -0.93 -35.17 -1.85
C LEU B 538 0.15 -35.80 -2.72
N GLU B 539 -0.28 -36.66 -3.67
CA GLU B 539 0.62 -37.23 -4.67
C GLU B 539 1.39 -36.12 -5.38
N ALA B 540 2.57 -36.45 -5.91
CA ALA B 540 3.41 -35.42 -6.50
C ALA B 540 2.75 -34.76 -7.69
N ASP B 541 1.91 -35.50 -8.42
CA ASP B 541 1.25 -34.94 -9.59
C ASP B 541 -0.13 -34.35 -9.26
N ASP B 542 -0.42 -34.16 -7.97
CA ASP B 542 -1.71 -33.59 -7.56
C ASP B 542 -1.80 -32.14 -8.02
N SER B 543 -2.78 -31.88 -8.89
CA SER B 543 -2.94 -30.56 -9.52
C SER B 543 -2.84 -29.42 -8.54
N ARG B 544 -3.30 -29.60 -7.30
CA ARG B 544 -3.18 -28.52 -6.32
C ARG B 544 -1.73 -28.11 -6.08
N ARG B 545 -0.78 -29.05 -6.22
CA ARG B 545 0.63 -28.72 -6.04
C ARG B 545 1.15 -27.78 -7.13
N MET B 546 0.46 -27.65 -8.27
CA MET B 546 1.03 -26.86 -9.35
C MET B 546 0.73 -25.40 -9.03
N THR B 547 1.60 -24.77 -8.26
CA THR B 547 1.27 -23.44 -7.74
C THR B 547 2.03 -22.34 -8.45
N THR B 548 1.34 -21.25 -8.75
CA THR B 548 2.02 -20.00 -9.07
C THR B 548 2.82 -19.52 -7.86
N ARG B 549 4.11 -19.25 -8.07
CA ARG B 549 5.03 -18.95 -6.98
C ARG B 549 5.39 -17.47 -6.99
N VAL B 550 5.36 -16.86 -5.80
CA VAL B 550 5.78 -15.47 -5.66
C VAL B 550 7.29 -15.43 -5.49
N LEU B 551 7.88 -14.42 -6.09
CA LEU B 551 9.31 -14.33 -6.19
C LEU B 551 9.96 -13.52 -5.06
N ASN B 552 9.17 -12.82 -4.24
CA ASN B 552 9.70 -12.04 -3.12
C ASN B 552 8.67 -11.99 -1.99
N PRO B 553 8.42 -13.13 -1.33
CA PRO B 553 7.48 -13.13 -0.21
C PRO B 553 8.07 -12.50 1.04
N LEU B 554 7.18 -12.15 1.99
CA LEU B 554 7.62 -11.67 3.29
C LEU B 554 7.99 -12.81 4.22
N GLU B 555 7.83 -14.03 3.76
CA GLU B 555 8.27 -15.27 4.39
C GLU B 555 8.81 -16.23 3.33
N ALA B 556 10.14 -16.40 3.34
CA ALA B 556 10.84 -17.14 2.31
C ALA B 556 10.33 -18.56 2.19
N ASP B 557 9.81 -19.13 3.28
CA ASP B 557 9.27 -20.48 3.22
C ASP B 557 7.84 -20.53 2.72
N ARG B 558 7.19 -19.38 2.48
CA ARG B 558 5.78 -19.39 2.11
C ARG B 558 5.69 -18.54 0.83
N PRO B 559 6.15 -19.06 -0.34
CA PRO B 559 6.08 -18.26 -1.56
C PRO B 559 5.00 -18.69 -2.54
N GLN B 560 4.31 -19.80 -2.29
CA GLN B 560 3.32 -20.31 -3.25
C GLN B 560 1.95 -19.68 -2.98
N LEU B 561 1.21 -19.43 -4.05
CA LEU B 561 -0.14 -18.91 -3.94
C LEU B 561 -1.13 -20.06 -3.79
N ALA B 562 -2.24 -19.79 -3.14
CA ALA B 562 -3.18 -20.83 -2.81
C ALA B 562 -3.91 -21.31 -4.06
N THR B 563 -3.83 -22.62 -4.32
CA THR B 563 -4.72 -23.24 -5.26
C THR B 563 -5.98 -23.76 -4.59
N THR B 564 -6.06 -23.64 -3.26
CA THR B 564 -7.18 -24.09 -2.44
C THR B 564 -7.25 -23.24 -1.19
N LEU B 565 -8.47 -22.99 -0.72
CA LEU B 565 -8.62 -22.08 0.41
C LEU B 565 -8.53 -22.78 1.76
N LEU B 566 -8.57 -24.12 1.81
CA LEU B 566 -8.47 -24.80 3.09
C LEU B 566 -7.21 -24.48 3.89
N PRO B 567 -6.04 -24.33 3.27
CA PRO B 567 -4.86 -23.95 4.07
C PRO B 567 -5.06 -22.72 4.93
N ALA B 568 -5.50 -21.61 4.35
CA ALA B 568 -5.70 -20.42 5.15
C ALA B 568 -6.83 -20.63 6.16
N LEU B 569 -7.91 -21.29 5.74
CA LEU B 569 -8.97 -21.58 6.70
C LEU B 569 -8.43 -22.40 7.85
N LEU B 570 -7.71 -23.48 7.53
CA LEU B 570 -7.19 -24.32 8.60
C LEU B 570 -6.22 -23.55 9.49
N GLU B 571 -5.49 -22.60 8.93
CA GLU B 571 -4.55 -21.83 9.74
C GLU B 571 -5.29 -20.99 10.79
N ALA B 572 -6.34 -20.28 10.35
CA ALA B 572 -7.15 -19.53 11.29
C ALA B 572 -7.83 -20.46 12.31
N LEU B 573 -8.29 -21.65 11.87
CA LEU B 573 -8.86 -22.58 12.84
C LEU B 573 -7.85 -22.91 13.93
N VAL B 574 -6.59 -23.18 13.55
CA VAL B 574 -5.54 -23.44 14.53
C VAL B 574 -5.37 -22.28 15.50
N ARG B 575 -5.44 -21.04 15.00
CA ARG B 575 -5.24 -19.88 15.86
C ARG B 575 -6.35 -19.80 16.91
N ASN B 576 -7.63 -19.88 16.48
CA ASN B 576 -8.71 -19.87 17.46
C ASN B 576 -8.56 -21.00 18.47
N VAL B 577 -8.16 -22.20 18.01
CA VAL B 577 -8.06 -23.31 18.96
C VAL B 577 -6.94 -23.07 19.97
N SER B 578 -5.82 -22.49 19.52
CA SER B 578 -4.72 -22.28 20.45
C SER B 578 -4.99 -21.14 21.44
N ARG B 579 -5.99 -20.32 21.19
CA ARG B 579 -6.39 -19.28 22.12
C ARG B 579 -7.58 -19.70 22.98
N GLY B 580 -7.95 -20.98 22.99
CA GLY B 580 -9.05 -21.46 23.81
C GLY B 580 -10.42 -21.43 23.16
N LEU B 581 -10.53 -21.02 21.89
CA LEU B 581 -11.81 -21.02 21.19
C LEU B 581 -11.93 -22.30 20.36
N VAL B 582 -12.18 -23.40 21.08
CA VAL B 582 -12.16 -24.71 20.44
C VAL B 582 -13.40 -25.02 19.62
N ASP B 583 -14.51 -24.29 19.79
CA ASP B 583 -15.75 -24.63 19.10
C ASP B 583 -15.98 -23.59 18.00
N VAL B 584 -15.43 -23.84 16.83
CA VAL B 584 -15.40 -22.83 15.79
C VAL B 584 -15.89 -23.41 14.47
N ALA B 585 -16.42 -22.52 13.62
CA ALA B 585 -16.77 -22.82 12.24
C ALA B 585 -16.42 -21.58 11.42
N LEU B 586 -15.40 -21.68 10.59
CA LEU B 586 -14.96 -20.56 9.77
C LEU B 586 -15.32 -20.80 8.31
N PHE B 587 -15.39 -19.71 7.55
CA PHE B 587 -15.62 -19.81 6.12
C PHE B 587 -14.95 -18.63 5.44
N ALA B 588 -14.69 -18.80 4.13
CA ALA B 588 -14.09 -17.75 3.32
C ALA B 588 -14.67 -17.81 1.92
N ILE B 589 -14.67 -16.65 1.25
CA ILE B 589 -15.12 -16.53 -0.13
C ILE B 589 -14.07 -15.68 -0.81
N ALA B 590 -13.21 -16.30 -1.61
CA ALA B 590 -12.11 -15.62 -2.28
C ALA B 590 -11.63 -16.46 -3.45
N GLN B 591 -10.92 -15.80 -4.36
CA GLN B 591 -10.40 -16.52 -5.50
C GLN B 591 -9.18 -17.35 -5.08
N VAL B 592 -8.91 -18.40 -5.87
CA VAL B 592 -7.65 -19.14 -5.82
C VAL B 592 -6.88 -18.84 -7.08
N VAL B 593 -5.62 -19.32 -7.13
CA VAL B 593 -4.75 -19.11 -8.29
C VAL B 593 -4.27 -20.47 -8.76
N GLN B 594 -4.85 -20.97 -9.86
CA GLN B 594 -4.49 -22.24 -10.47
C GLN B 594 -3.88 -21.96 -11.83
N PRO B 595 -2.58 -22.16 -12.03
CA PRO B 595 -1.96 -21.90 -13.34
C PRO B 595 -2.00 -23.09 -14.26
N THR B 596 -2.07 -22.79 -15.56
CA THR B 596 -2.32 -23.76 -16.64
C THR B 596 -1.06 -24.17 -17.40
N GLU B 597 0.07 -23.56 -17.10
CA GLU B 597 1.34 -23.78 -17.79
C GLU B 597 2.42 -23.23 -16.87
N GLN B 598 3.66 -23.17 -17.35
CA GLN B 598 4.69 -22.45 -16.61
C GLN B 598 4.57 -20.96 -16.88
N THR B 599 4.95 -20.15 -15.87
CA THR B 599 4.66 -18.71 -15.88
C THR B 599 5.13 -18.09 -17.20
N ARG B 600 4.19 -17.85 -18.12
CA ARG B 600 4.48 -17.18 -19.37
C ARG B 600 3.93 -15.75 -19.26
N GLY B 601 4.81 -14.78 -19.45
CA GLY B 601 4.43 -13.38 -19.44
C GLY B 601 4.43 -12.82 -20.89
N VAL B 602 3.46 -11.98 -21.13
CA VAL B 602 3.33 -11.31 -22.43
C VAL B 602 4.11 -10.01 -22.39
N GLY B 603 4.82 -9.71 -23.48
CA GLY B 603 5.60 -8.49 -23.56
C GLY B 603 4.75 -7.25 -23.76
N LEU B 604 5.42 -6.10 -23.61
CA LEU B 604 4.78 -4.79 -23.59
C LEU B 604 3.97 -4.51 -24.85
N ILE B 605 2.85 -3.84 -24.69
CA ILE B 605 1.99 -3.38 -25.77
C ILE B 605 1.98 -1.87 -25.76
N PRO B 606 2.13 -1.18 -26.89
CA PRO B 606 2.22 0.29 -26.88
C PRO B 606 1.05 0.94 -26.14
N VAL B 607 1.34 2.00 -25.36
CA VAL B 607 0.30 2.63 -24.55
C VAL B 607 -0.29 3.85 -25.23
N ASP B 608 0.14 4.16 -26.46
CA ASP B 608 -0.41 5.27 -27.21
C ASP B 608 -1.67 4.88 -27.98
N ARG B 609 -1.99 3.60 -28.00
CA ARG B 609 -3.22 3.09 -28.58
C ARG B 609 -3.84 2.11 -27.59
N ARG B 610 -5.10 1.80 -27.82
CA ARG B 610 -5.66 0.77 -26.97
C ARG B 610 -5.31 -0.60 -27.54
N PRO B 611 -5.11 -1.59 -26.67
CA PRO B 611 -4.79 -2.94 -27.17
C PRO B 611 -5.97 -3.51 -27.96
N THR B 612 -5.65 -4.42 -28.88
CA THR B 612 -6.65 -5.12 -29.68
C THR B 612 -7.44 -6.09 -28.82
N ASP B 613 -8.61 -6.49 -29.32
CA ASP B 613 -9.33 -7.55 -28.63
C ASP B 613 -8.45 -8.80 -28.49
N ASP B 614 -7.57 -9.03 -29.46
CA ASP B 614 -6.72 -10.21 -29.40
C ASP B 614 -5.65 -10.06 -28.36
N GLU B 615 -5.03 -8.87 -28.30
CA GLU B 615 -4.03 -8.63 -27.28
C GLU B 615 -4.62 -8.75 -25.87
N ILE B 616 -5.92 -8.49 -25.72
CA ILE B 616 -6.56 -8.69 -24.43
C ILE B 616 -6.69 -10.19 -24.14
N ALA B 617 -7.28 -10.93 -25.08
CA ALA B 617 -7.43 -12.36 -24.89
C ALA B 617 -6.08 -13.05 -24.65
N MET B 618 -5.00 -12.54 -25.26
CA MET B 618 -3.70 -13.14 -25.02
C MET B 618 -3.20 -12.79 -23.63
N LEU B 619 -3.41 -11.54 -23.23
CA LEU B 619 -3.08 -11.14 -21.86
C LEU B 619 -3.86 -11.96 -20.85
N ASP B 620 -5.18 -12.12 -21.09
CA ASP B 620 -6.00 -12.92 -20.20
C ASP B 620 -5.52 -14.36 -20.14
N ALA B 621 -5.17 -14.95 -21.30
CA ALA B 621 -4.73 -16.34 -21.34
C ALA B 621 -3.36 -16.52 -20.73
N SER B 622 -2.58 -15.44 -20.61
CA SER B 622 -1.25 -15.53 -20.00
C SER B 622 -1.34 -15.69 -18.48
N LEU B 623 -2.40 -15.14 -17.84
CA LEU B 623 -2.64 -15.22 -16.40
C LEU B 623 -3.20 -16.58 -16.01
N PRO B 624 -2.93 -17.03 -14.79
CA PRO B 624 -3.54 -18.30 -14.33
C PRO B 624 -5.05 -18.21 -14.21
N ARG B 625 -5.69 -19.38 -14.19
CA ARG B 625 -7.09 -19.46 -13.81
C ARG B 625 -7.24 -18.94 -12.40
N GLN B 626 -8.25 -18.09 -12.18
CA GLN B 626 -8.50 -17.52 -10.86
C GLN B 626 -10.00 -17.55 -10.55
N PRO B 627 -10.54 -18.75 -10.34
CA PRO B 627 -11.97 -18.86 -10.01
C PRO B 627 -12.27 -18.49 -8.56
N GLN B 628 -13.47 -17.93 -8.35
CA GLN B 628 -13.96 -17.72 -6.99
C GLN B 628 -14.25 -19.05 -6.33
N HIS B 629 -13.73 -19.24 -5.12
CA HIS B 629 -14.13 -20.40 -4.32
C HIS B 629 -14.88 -19.95 -3.07
N VAL B 630 -15.72 -20.84 -2.54
CA VAL B 630 -16.19 -20.73 -1.17
C VAL B 630 -15.72 -21.97 -0.42
N ALA B 631 -15.37 -21.80 0.86
CA ALA B 631 -14.83 -22.92 1.62
C ALA B 631 -15.10 -22.71 3.10
N ALA B 632 -15.00 -23.80 3.87
CA ALA B 632 -15.32 -23.70 5.28
C ALA B 632 -14.75 -24.87 6.05
N VAL B 633 -14.44 -24.62 7.33
CA VAL B 633 -13.96 -25.64 8.26
C VAL B 633 -14.77 -25.55 9.55
N LEU B 634 -14.80 -26.68 10.29
CA LEU B 634 -15.57 -26.79 11.52
C LEU B 634 -14.81 -27.69 12.47
N ALA B 635 -14.92 -27.41 13.77
CA ALA B 635 -14.23 -28.20 14.77
C ALA B 635 -14.89 -27.99 16.12
N GLY B 636 -14.72 -28.98 17.00
CA GLY B 636 -15.24 -28.94 18.35
C GLY B 636 -16.73 -29.19 18.41
N LEU B 637 -17.47 -28.26 18.98
CA LEU B 637 -18.91 -28.40 19.04
C LEU B 637 -19.55 -27.67 17.87
N ARG B 638 -20.71 -28.16 17.48
CA ARG B 638 -21.55 -27.48 16.51
C ARG B 638 -22.80 -26.94 17.16
N GLU B 639 -23.38 -27.71 18.07
CA GLU B 639 -24.31 -27.17 19.04
C GLU B 639 -23.63 -27.11 20.40
N PRO B 640 -23.62 -25.96 21.09
CA PRO B 640 -22.89 -25.85 22.36
C PRO B 640 -23.61 -26.50 23.53
N ARG B 641 -22.90 -26.59 24.64
CA ARG B 641 -23.51 -27.12 25.85
C ARG B 641 -24.50 -26.11 26.41
N GLY B 642 -25.51 -26.60 27.12
CA GLY B 642 -26.52 -25.74 27.69
C GLY B 642 -27.41 -26.53 28.62
N PRO B 643 -28.52 -25.91 29.07
CA PRO B 643 -29.52 -26.68 29.83
C PRO B 643 -30.22 -27.72 28.99
N TRP B 644 -30.24 -27.57 27.66
CA TRP B 644 -30.90 -28.52 26.77
C TRP B 644 -30.17 -29.85 26.68
N GLY B 645 -28.89 -29.90 27.03
CA GLY B 645 -28.14 -31.13 26.90
C GLY B 645 -26.67 -30.84 26.65
N PRO B 646 -25.87 -31.88 26.43
CA PRO B 646 -24.40 -31.71 26.41
C PRO B 646 -23.84 -31.06 25.17
N GLY B 647 -24.62 -30.86 24.12
CA GLY B 647 -24.09 -30.34 22.89
C GLY B 647 -23.83 -31.46 21.89
N ARG B 648 -23.55 -31.05 20.66
CA ARG B 648 -23.30 -31.99 19.57
C ARG B 648 -21.94 -31.66 18.95
N PRO B 649 -20.97 -32.56 19.04
CA PRO B 649 -19.69 -32.32 18.38
C PRO B 649 -19.87 -32.27 16.87
N VAL B 650 -19.05 -31.42 16.23
CA VAL B 650 -18.99 -31.37 14.76
C VAL B 650 -18.84 -32.76 14.20
N GLU B 651 -19.58 -33.05 13.13
CA GLU B 651 -19.46 -34.32 12.41
C GLU B 651 -19.52 -34.04 10.92
N ALA B 652 -19.03 -35.01 10.13
CA ALA B 652 -18.99 -34.81 8.69
C ALA B 652 -20.34 -34.35 8.13
N ALA B 653 -21.45 -34.90 8.66
CA ALA B 653 -22.77 -34.44 8.24
C ALA B 653 -22.90 -32.91 8.29
N ASP B 654 -22.21 -32.26 9.24
CA ASP B 654 -22.33 -30.80 9.30
C ASP B 654 -21.65 -30.15 8.10
N ALA B 655 -20.61 -30.78 7.55
CA ALA B 655 -19.97 -30.21 6.37
C ALA B 655 -20.83 -30.42 5.13
N PHE B 656 -21.55 -31.56 5.05
CA PHE B 656 -22.52 -31.69 3.98
C PHE B 656 -23.61 -30.62 4.10
N GLU B 657 -24.07 -30.36 5.34
CA GLU B 657 -25.08 -29.34 5.51
C GLU B 657 -24.56 -27.96 5.13
N ALA B 658 -23.25 -27.73 5.26
CA ALA B 658 -22.71 -26.49 4.74
C ALA B 658 -22.89 -26.41 3.23
N VAL B 659 -22.67 -27.54 2.53
CA VAL B 659 -22.93 -27.57 1.09
C VAL B 659 -24.37 -27.20 0.81
N ARG B 660 -25.30 -27.87 1.48
CA ARG B 660 -26.70 -27.59 1.21
C ARG B 660 -27.06 -26.13 1.51
N ILE B 661 -26.40 -25.49 2.49
CA ILE B 661 -26.66 -24.07 2.76
C ILE B 661 -26.21 -23.21 1.59
N ILE B 662 -24.98 -23.42 1.12
CA ILE B 662 -24.50 -22.67 -0.04
C ILE B 662 -25.37 -22.96 -1.26
N ALA B 663 -25.82 -24.21 -1.43
CA ALA B 663 -26.64 -24.51 -2.60
C ALA B 663 -28.00 -23.82 -2.51
N ARG B 664 -28.64 -23.87 -1.33
CA ARG B 664 -29.89 -23.15 -1.15
C ARG B 664 -29.72 -21.67 -1.43
N ALA B 665 -28.60 -21.10 -0.95
CA ALA B 665 -28.32 -19.69 -1.21
C ALA B 665 -28.10 -19.41 -2.69
N SER B 666 -27.55 -20.38 -3.42
CA SER B 666 -27.26 -20.24 -4.84
C SER B 666 -28.43 -20.65 -5.73
N ARG B 667 -29.52 -21.11 -5.13
CA ARG B 667 -30.73 -21.51 -5.83
C ARG B 667 -30.43 -22.54 -6.94
N VAL B 668 -29.66 -23.57 -6.55
CA VAL B 668 -29.35 -24.70 -7.41
C VAL B 668 -29.52 -25.96 -6.56
N ASP B 669 -29.63 -27.10 -7.22
CA ASP B 669 -29.78 -28.38 -6.54
C ASP B 669 -28.47 -29.17 -6.65
N VAL B 670 -28.04 -29.77 -5.53
CA VAL B 670 -26.80 -30.54 -5.58
C VAL B 670 -27.07 -32.00 -5.23
N THR B 671 -26.13 -32.84 -5.65
CA THR B 671 -26.13 -34.25 -5.32
C THR B 671 -24.80 -34.55 -4.67
N LEU B 672 -24.78 -35.44 -3.69
CA LEU B 672 -23.54 -35.81 -3.04
C LEU B 672 -23.27 -37.28 -3.36
N ARG B 673 -22.06 -37.56 -3.86
CA ARG B 673 -21.62 -38.91 -4.22
C ARG B 673 -20.35 -39.23 -3.47
N PRO B 674 -20.20 -40.48 -3.00
CA PRO B 674 -18.98 -40.86 -2.28
C PRO B 674 -17.74 -40.67 -3.15
N ALA B 675 -16.62 -40.40 -2.48
CA ALA B 675 -15.41 -40.04 -3.20
C ALA B 675 -14.22 -40.21 -2.28
N GLN B 676 -13.07 -40.49 -2.89
CA GLN B 676 -11.80 -40.52 -2.19
C GLN B 676 -11.00 -39.37 -2.76
N TYR B 677 -10.53 -38.47 -1.88
CA TYR B 677 -9.86 -37.24 -2.27
C TYR B 677 -9.21 -36.65 -1.03
N LEU B 678 -7.93 -36.41 -1.06
CA LEU B 678 -7.32 -35.76 0.09
C LEU B 678 -7.58 -34.27 -0.02
N PRO B 679 -7.61 -33.54 1.11
CA PRO B 679 -7.24 -34.02 2.45
C PRO B 679 -8.37 -34.68 3.24
N TRP B 680 -9.44 -35.11 2.57
CA TRP B 680 -10.61 -35.66 3.23
C TRP B 680 -10.42 -37.13 3.63
N HIS B 681 -11.20 -37.52 4.62
CA HIS B 681 -11.30 -38.92 5.03
C HIS B 681 -11.99 -39.75 3.95
N PRO B 682 -11.43 -40.90 3.55
CA PRO B 682 -11.94 -41.63 2.39
C PRO B 682 -13.35 -42.20 2.56
N GLY B 683 -13.75 -42.49 3.79
CA GLY B 683 -15.05 -43.07 4.05
C GLY B 683 -16.09 -42.06 4.40
N ARG B 684 -15.71 -40.78 4.44
CA ARG B 684 -16.56 -39.67 4.89
C ARG B 684 -16.33 -38.48 4.01
N CYS B 685 -16.03 -38.70 2.74
CA CYS B 685 -15.76 -37.62 1.81
C CYS B 685 -16.74 -37.69 0.65
N ALA B 686 -17.47 -36.60 0.42
CA ALA B 686 -18.43 -36.50 -0.66
C ALA B 686 -17.96 -35.50 -1.71
N GLN B 687 -18.21 -35.83 -2.98
CA GLN B 687 -18.02 -34.92 -4.08
C GLN B 687 -19.36 -34.30 -4.44
N VAL B 688 -19.34 -33.00 -4.74
CA VAL B 688 -20.57 -32.22 -4.93
C VAL B 688 -20.74 -31.98 -6.41
N PHE B 689 -21.89 -32.39 -6.95
CA PHE B 689 -22.24 -32.16 -8.35
C PHE B 689 -23.46 -31.27 -8.43
N VAL B 690 -23.40 -30.27 -9.32
CA VAL B 690 -24.58 -29.55 -9.78
C VAL B 690 -24.91 -30.13 -11.15
N GLY B 691 -26.02 -30.85 -11.24
CA GLY B 691 -26.24 -31.64 -12.43
C GLY B 691 -25.18 -32.71 -12.50
N GLU B 692 -24.37 -32.70 -13.57
CA GLU B 692 -23.29 -33.68 -13.72
C GLU B 692 -21.90 -33.06 -13.70
N SER B 693 -21.76 -31.80 -13.26
CA SER B 693 -20.47 -31.13 -13.10
C SER B 693 -20.02 -31.19 -11.65
N SER B 694 -18.79 -31.64 -11.42
CA SER B 694 -18.19 -31.52 -10.09
C SER B 694 -17.97 -30.05 -9.74
N VAL B 695 -18.44 -29.64 -8.56
CA VAL B 695 -18.16 -28.30 -8.03
C VAL B 695 -17.31 -28.31 -6.78
N GLY B 696 -17.04 -29.46 -6.19
CA GLY B 696 -16.02 -29.51 -5.14
C GLY B 696 -16.25 -30.70 -4.23
N HIS B 697 -15.83 -30.55 -2.98
CA HIS B 697 -15.95 -31.64 -2.01
C HIS B 697 -16.38 -31.14 -0.64
N ALA B 698 -16.76 -32.08 0.22
CA ALA B 698 -17.13 -31.82 1.60
C ALA B 698 -16.98 -33.11 2.40
N GLY B 699 -16.76 -32.95 3.71
CA GLY B 699 -16.71 -34.09 4.60
C GLY B 699 -15.76 -33.85 5.76
N GLN B 700 -15.48 -34.93 6.50
CA GLN B 700 -14.50 -34.92 7.58
C GLN B 700 -13.07 -35.04 7.04
N LEU B 701 -12.12 -34.40 7.70
CA LEU B 701 -10.75 -34.49 7.23
C LEU B 701 -10.14 -35.84 7.62
N HIS B 702 -9.18 -36.27 6.79
CA HIS B 702 -8.42 -37.49 7.04
C HIS B 702 -7.77 -37.44 8.42
N PRO B 703 -7.92 -38.50 9.23
CA PRO B 703 -7.33 -38.47 10.58
C PRO B 703 -5.81 -38.31 10.57
N ALA B 704 -5.13 -38.81 9.54
CA ALA B 704 -3.69 -38.62 9.46
C ALA B 704 -3.30 -37.22 9.00
N VAL B 705 -4.10 -36.57 8.15
CA VAL B 705 -3.83 -35.17 7.86
C VAL B 705 -4.01 -34.34 9.12
N ILE B 706 -5.11 -34.59 9.83
CA ILE B 706 -5.39 -33.90 11.08
C ILE B 706 -4.18 -33.96 12.00
N GLU B 707 -3.55 -35.13 12.07
CA GLU B 707 -2.55 -35.40 13.08
C GLU B 707 -1.25 -34.70 12.73
N ARG B 708 -0.80 -34.86 11.49
CA ARG B 708 0.42 -34.20 11.03
C ARG B 708 0.30 -32.68 11.06
N SER B 709 -0.91 -32.16 10.95
CA SER B 709 -1.14 -30.72 10.83
C SER B 709 -1.44 -30.06 12.17
N GLY B 710 -1.46 -30.82 13.25
CA GLY B 710 -1.83 -30.26 14.54
C GLY B 710 -3.19 -29.63 14.55
N LEU B 711 -4.17 -30.28 13.92
CA LEU B 711 -5.56 -29.88 13.81
C LEU B 711 -6.40 -30.59 14.85
N PRO B 712 -7.59 -30.08 15.17
CA PRO B 712 -8.44 -30.75 16.16
C PRO B 712 -9.00 -32.05 15.61
N LYS B 713 -9.06 -33.08 16.48
CA LYS B 713 -9.71 -34.32 16.06
C LYS B 713 -11.08 -34.03 15.46
N GLY B 714 -11.36 -34.68 14.35
CA GLY B 714 -12.70 -34.61 13.83
C GLY B 714 -12.99 -33.41 12.95
N THR B 715 -12.04 -32.49 12.77
CA THR B 715 -12.22 -31.35 11.88
C THR B 715 -12.88 -31.74 10.56
N CYS B 716 -13.89 -30.97 10.14
CA CYS B 716 -14.51 -31.15 8.83
C CYS B 716 -14.24 -29.95 7.95
N ALA B 717 -14.43 -30.13 6.65
CA ALA B 717 -14.05 -29.10 5.70
C ALA B 717 -14.98 -29.17 4.50
N VAL B 718 -14.93 -28.11 3.70
CA VAL B 718 -15.71 -28.03 2.47
C VAL B 718 -15.12 -26.93 1.61
N GLU B 719 -14.96 -27.25 0.31
CA GLU B 719 -14.59 -26.26 -0.70
C GLU B 719 -15.38 -26.50 -1.97
N LEU B 720 -15.99 -25.44 -2.48
CA LEU B 720 -16.75 -25.46 -3.72
C LEU B 720 -16.19 -24.39 -4.65
N ASN B 721 -16.13 -24.71 -5.93
CA ASN B 721 -15.72 -23.76 -6.96
C ASN B 721 -16.97 -23.01 -7.41
N LEU B 722 -17.13 -21.77 -6.97
CA LEU B 722 -18.31 -21.00 -7.34
C LEU B 722 -18.42 -20.83 -8.85
N ASP B 723 -17.28 -20.65 -9.54
CA ASP B 723 -17.36 -20.45 -10.98
C ASP B 723 -17.98 -21.64 -11.69
N ALA B 724 -18.03 -22.79 -11.03
CA ALA B 724 -18.64 -23.99 -11.57
C ALA B 724 -20.12 -24.15 -11.19
N ILE B 725 -20.67 -23.28 -10.35
CA ILE B 725 -22.08 -23.34 -10.00
C ILE B 725 -22.83 -22.35 -10.91
N PRO B 726 -23.66 -22.83 -11.83
CA PRO B 726 -24.19 -21.90 -12.83
C PRO B 726 -25.20 -20.94 -12.24
N CYS B 727 -25.31 -19.78 -12.89
CA CYS B 727 -26.42 -18.88 -12.67
C CYS B 727 -27.73 -19.63 -12.69
N SER B 728 -28.65 -19.23 -11.82
CA SER B 728 -30.03 -19.68 -11.89
C SER B 728 -30.95 -18.55 -11.45
N ALA B 729 -32.07 -18.41 -12.14
CA ALA B 729 -33.10 -17.44 -11.78
C ALA B 729 -34.45 -18.13 -11.95
N PRO B 730 -34.83 -18.96 -10.98
CA PRO B 730 -36.13 -19.64 -11.07
C PRO B 730 -37.27 -18.63 -11.04
N LEU B 731 -38.33 -18.97 -11.78
CA LEU B 731 -39.63 -18.29 -11.72
C LEU B 731 -40.64 -19.34 -11.29
N PRO B 732 -40.61 -19.77 -10.04
CA PRO B 732 -41.45 -20.88 -9.60
C PRO B 732 -42.93 -20.54 -9.71
N ALA B 733 -43.73 -21.60 -9.80
CA ALA B 733 -45.17 -21.48 -9.88
C ALA B 733 -45.79 -22.68 -9.20
N PRO B 734 -45.66 -22.77 -7.88
CA PRO B 734 -45.96 -24.03 -7.20
C PRO B 734 -47.44 -24.37 -7.26
N ARG B 735 -47.72 -25.63 -7.56
CA ARG B 735 -49.06 -26.19 -7.53
C ARG B 735 -49.41 -26.47 -6.06
N VAL B 736 -50.37 -25.74 -5.49
CA VAL B 736 -50.68 -25.85 -4.05
C VAL B 736 -52.06 -26.50 -3.91
N SER B 737 -52.08 -27.83 -3.81
CA SER B 737 -53.35 -28.54 -3.74
C SER B 737 -53.96 -28.46 -2.35
N PRO B 738 -55.22 -28.06 -2.23
CA PRO B 738 -55.88 -28.01 -0.93
C PRO B 738 -56.51 -29.31 -0.47
N TYR B 739 -56.61 -30.32 -1.33
CA TYR B 739 -57.31 -31.52 -0.94
C TYR B 739 -56.51 -32.28 0.13
N PRO B 740 -57.20 -33.08 0.94
CA PRO B 740 -56.52 -33.79 2.04
C PRO B 740 -55.42 -34.70 1.55
N ALA B 741 -54.54 -35.07 2.46
CA ALA B 741 -53.35 -35.84 2.16
C ALA B 741 -53.42 -37.20 2.86
N VAL B 742 -52.71 -38.18 2.31
CA VAL B 742 -52.61 -39.51 2.89
C VAL B 742 -51.16 -39.71 3.32
N PHE B 743 -50.98 -40.13 4.56
CA PHE B 743 -49.66 -40.34 5.15
C PHE B 743 -49.40 -41.83 5.29
N GLN B 744 -48.33 -42.30 4.66
CA GLN B 744 -47.95 -43.70 4.76
C GLN B 744 -46.44 -43.80 4.97
N ASP B 745 -46.04 -44.75 5.80
CA ASP B 745 -44.62 -45.00 6.14
C ASP B 745 -44.22 -46.38 5.66
N VAL B 746 -43.25 -46.44 4.74
CA VAL B 746 -42.81 -47.70 4.16
C VAL B 746 -41.37 -47.97 4.58
N SER B 747 -41.05 -49.23 4.87
CA SER B 747 -39.70 -49.64 5.21
C SER B 747 -39.14 -50.57 4.14
N LEU B 748 -37.98 -50.22 3.60
CA LEU B 748 -37.31 -50.95 2.53
C LEU B 748 -35.99 -51.50 3.05
N VAL B 749 -35.64 -52.72 2.66
CA VAL B 749 -34.33 -53.30 2.97
C VAL B 749 -33.50 -53.30 1.69
N VAL B 750 -32.24 -52.87 1.79
CA VAL B 750 -31.36 -52.79 0.64
C VAL B 750 -29.95 -53.19 1.06
N ALA B 751 -29.08 -53.36 0.07
CA ALA B 751 -27.69 -53.62 0.39
C ALA B 751 -27.10 -52.40 1.07
N ALA B 752 -26.30 -52.64 2.10
CA ALA B 752 -25.70 -51.52 2.83
C ALA B 752 -25.00 -50.53 1.91
N ASP B 753 -24.43 -51.00 0.79
CA ASP B 753 -23.69 -50.10 -0.10
C ASP B 753 -24.59 -49.13 -0.86
N ILE B 754 -25.89 -49.33 -0.86
CA ILE B 754 -26.75 -48.48 -1.67
C ILE B 754 -26.99 -47.16 -0.93
N PRO B 755 -26.83 -46.03 -1.60
CA PRO B 755 -27.01 -44.74 -0.91
C PRO B 755 -28.48 -44.47 -0.63
N ALA B 756 -28.73 -43.80 0.50
CA ALA B 756 -30.13 -43.55 0.86
C ALA B 756 -30.84 -42.76 -0.22
N GLN B 757 -30.17 -41.77 -0.81
CA GLN B 757 -30.81 -40.96 -1.83
C GLN B 757 -31.18 -41.76 -3.08
N ALA B 758 -30.47 -42.85 -3.38
CA ALA B 758 -30.88 -43.72 -4.47
C ALA B 758 -32.25 -44.32 -4.18
N VAL B 759 -32.44 -44.91 -3.00
CA VAL B 759 -33.73 -45.50 -2.67
C VAL B 759 -34.83 -44.43 -2.67
N ALA B 760 -34.53 -43.23 -2.19
CA ALA B 760 -35.54 -42.18 -2.21
C ALA B 760 -35.92 -41.80 -3.64
N ASP B 761 -34.93 -41.70 -4.53
CA ASP B 761 -35.20 -41.33 -5.91
C ASP B 761 -36.05 -42.37 -6.59
N ALA B 762 -35.73 -43.66 -6.35
CA ALA B 762 -36.50 -44.75 -6.93
C ALA B 762 -37.94 -44.73 -6.44
N VAL B 763 -38.13 -44.43 -5.16
CA VAL B 763 -39.47 -44.37 -4.62
C VAL B 763 -40.22 -43.21 -5.25
N ARG B 764 -39.55 -42.07 -5.41
CA ARG B 764 -40.22 -40.95 -6.05
C ARG B 764 -40.56 -41.26 -7.49
N ALA B 765 -39.65 -41.94 -8.18
CA ALA B 765 -39.87 -42.24 -9.59
C ALA B 765 -41.08 -43.14 -9.76
N GLY B 766 -41.21 -44.17 -8.91
CA GLY B 766 -42.30 -45.12 -9.00
C GLY B 766 -43.64 -44.55 -8.59
N ALA B 767 -43.66 -43.58 -7.67
CA ALA B 767 -44.92 -43.11 -7.09
C ALA B 767 -45.58 -42.00 -7.90
N GLY B 768 -44.80 -41.21 -8.63
CA GLY B 768 -45.41 -40.24 -9.51
C GLY B 768 -45.91 -39.00 -8.79
N ASP B 769 -46.75 -38.24 -9.49
CA ASP B 769 -47.13 -36.92 -9.03
C ASP B 769 -47.81 -36.94 -7.67
N LEU B 770 -48.54 -38.02 -7.35
CA LEU B 770 -49.26 -38.08 -6.08
C LEU B 770 -48.34 -37.91 -4.87
N LEU B 771 -47.11 -38.37 -4.93
CA LEU B 771 -46.16 -38.19 -3.84
C LEU B 771 -45.80 -36.71 -3.70
N GLU B 772 -46.31 -36.08 -2.63
CA GLU B 772 -46.03 -34.67 -2.34
C GLU B 772 -44.70 -34.50 -1.64
N ASP B 773 -44.38 -35.37 -0.70
CA ASP B 773 -43.15 -35.28 0.08
C ASP B 773 -42.68 -36.68 0.45
N ILE B 774 -41.35 -36.85 0.47
CA ILE B 774 -40.71 -38.06 0.95
C ILE B 774 -39.59 -37.64 1.88
N ALA B 775 -39.47 -38.31 3.02
CA ALA B 775 -38.43 -37.95 3.97
C ALA B 775 -37.94 -39.19 4.70
N LEU B 776 -36.61 -39.34 4.81
CA LEU B 776 -36.03 -40.47 5.52
C LEU B 776 -36.21 -40.33 7.03
N PHE B 777 -36.82 -41.34 7.67
CA PHE B 777 -36.87 -41.35 9.14
C PHE B 777 -35.74 -42.18 9.71
N ASP B 778 -35.89 -43.50 9.71
CA ASP B 778 -35.01 -44.41 10.41
C ASP B 778 -34.02 -45.07 9.44
N VAL B 779 -32.89 -45.55 9.99
CA VAL B 779 -31.92 -46.37 9.29
C VAL B 779 -31.49 -47.46 10.25
N PHE B 780 -31.93 -48.70 10.02
CA PHE B 780 -31.75 -49.79 10.99
C PHE B 780 -30.95 -50.94 10.38
N THR B 781 -29.96 -51.41 11.15
CA THR B 781 -29.24 -52.64 10.87
C THR B 781 -29.41 -53.61 12.03
N GLY B 782 -29.33 -54.88 11.70
CA GLY B 782 -29.48 -55.96 12.65
C GLY B 782 -29.17 -57.25 11.94
N PRO B 783 -29.01 -58.32 12.70
CA PRO B 783 -28.75 -59.62 12.09
C PRO B 783 -29.90 -60.13 11.22
N GLN B 784 -31.11 -60.17 11.76
CA GLN B 784 -32.25 -60.78 11.09
C GLN B 784 -32.56 -60.22 9.69
N ILE B 785 -31.98 -59.09 9.26
CA ILE B 785 -32.17 -58.66 7.88
C ILE B 785 -30.95 -58.94 7.02
N GLY B 786 -29.88 -59.51 7.59
CA GLY B 786 -28.69 -59.77 6.82
C GLY B 786 -27.52 -58.88 7.18
N GLU B 787 -26.36 -59.50 7.41
CA GLU B 787 -25.21 -58.76 7.92
C GLU B 787 -24.81 -57.61 7.00
N HIS B 788 -25.12 -57.68 5.71
CA HIS B 788 -24.70 -56.62 4.80
C HIS B 788 -25.87 -55.82 4.26
N ARG B 789 -27.03 -55.94 4.86
CA ARG B 789 -28.15 -55.13 4.42
C ARG B 789 -28.51 -54.11 5.53
N LYS B 790 -29.48 -53.25 5.21
CA LYS B 790 -29.93 -52.21 6.11
C LYS B 790 -31.39 -51.95 5.77
N SER B 791 -32.12 -51.32 6.70
CA SER B 791 -33.54 -51.05 6.52
C SER B 791 -33.77 -49.55 6.54
N LEU B 792 -34.33 -49.03 5.46
CA LEU B 792 -34.65 -47.61 5.36
C LEU B 792 -36.14 -47.41 5.54
N THR B 793 -36.54 -46.66 6.55
CA THR B 793 -37.94 -46.30 6.71
C THR B 793 -38.14 -44.91 6.13
N PHE B 794 -39.02 -44.78 5.13
CA PHE B 794 -39.33 -43.48 4.56
C PHE B 794 -40.74 -43.06 4.95
N ALA B 795 -40.93 -41.74 5.13
CA ALA B 795 -42.25 -41.16 5.40
C ALA B 795 -42.77 -40.48 4.15
N LEU B 796 -43.91 -40.96 3.65
CA LEU B 796 -44.46 -40.56 2.37
C LEU B 796 -45.75 -39.79 2.59
N ARG B 797 -45.92 -38.69 1.86
CA ARG B 797 -47.13 -37.88 1.94
C ARG B 797 -47.71 -37.73 0.55
N PHE B 798 -48.83 -38.43 0.28
CA PHE B 798 -49.48 -38.37 -1.03
C PHE B 798 -50.61 -37.36 -1.00
N ARG B 799 -50.85 -36.72 -2.15
CA ARG B 799 -51.93 -35.75 -2.24
C ARG B 799 -52.30 -35.55 -3.68
N ALA B 800 -53.60 -35.59 -3.97
CA ALA B 800 -54.09 -35.45 -5.33
C ALA B 800 -54.29 -33.99 -5.66
N PRO B 801 -54.26 -33.61 -6.93
CA PRO B 801 -54.47 -32.21 -7.30
C PRO B 801 -55.93 -31.81 -7.45
N ASP B 802 -56.87 -32.76 -7.51
CA ASP B 802 -58.25 -32.46 -7.88
C ASP B 802 -59.27 -33.22 -7.07
N ARG B 803 -58.86 -34.08 -6.16
CA ARG B 803 -59.80 -34.98 -5.50
C ARG B 803 -59.28 -35.28 -4.11
N THR B 804 -60.14 -35.87 -3.30
CA THR B 804 -59.71 -36.44 -2.03
C THR B 804 -59.18 -37.83 -2.32
N LEU B 805 -57.86 -38.00 -2.25
CA LEU B 805 -57.22 -39.28 -2.51
C LEU B 805 -57.85 -40.40 -1.70
N THR B 806 -58.28 -41.46 -2.38
CA THR B 806 -58.74 -42.60 -1.63
C THR B 806 -57.53 -43.20 -0.91
N GLU B 807 -57.78 -44.15 -0.05
CA GLU B 807 -56.63 -44.86 0.46
C GLU B 807 -56.29 -46.12 -0.31
N ASP B 808 -57.11 -46.53 -1.27
CA ASP B 808 -56.57 -47.47 -2.24
C ASP B 808 -55.70 -46.74 -3.25
N ASP B 809 -56.18 -45.59 -3.77
CA ASP B 809 -55.36 -44.76 -4.64
C ASP B 809 -53.95 -44.58 -4.09
N ALA B 810 -53.84 -44.36 -2.77
CA ALA B 810 -52.53 -44.16 -2.18
C ALA B 810 -51.70 -45.44 -2.28
N SER B 811 -52.24 -46.55 -1.77
CA SER B 811 -51.50 -47.81 -1.80
C SER B 811 -51.15 -48.25 -3.22
N ALA B 812 -51.96 -47.87 -4.21
CA ALA B 812 -51.51 -48.01 -5.60
C ALA B 812 -50.17 -47.31 -5.80
N ALA B 813 -50.11 -46.03 -5.43
CA ALA B 813 -48.86 -45.27 -5.56
C ALA B 813 -47.74 -45.86 -4.70
N ARG B 814 -48.07 -46.35 -3.51
CA ARG B 814 -47.06 -47.00 -2.68
C ARG B 814 -46.50 -48.23 -3.38
N ASP B 815 -47.39 -49.14 -3.80
CA ASP B 815 -47.00 -50.35 -4.51
C ASP B 815 -46.14 -50.02 -5.72
N ALA B 816 -46.54 -48.97 -6.46
CA ALA B 816 -45.77 -48.55 -7.62
C ALA B 816 -44.38 -48.09 -7.22
N ALA B 817 -44.29 -47.33 -6.13
CA ALA B 817 -42.99 -46.88 -5.65
C ALA B 817 -42.15 -48.05 -5.14
N VAL B 818 -42.76 -48.98 -4.39
CA VAL B 818 -41.99 -50.14 -3.92
C VAL B 818 -41.43 -50.92 -5.10
N GLN B 819 -42.22 -51.07 -6.17
CA GLN B 819 -41.75 -51.83 -7.32
C GLN B 819 -40.57 -51.12 -7.97
N SER B 820 -40.61 -49.79 -8.03
CA SER B 820 -39.51 -49.07 -8.66
C SER B 820 -38.22 -49.28 -7.88
N ALA B 821 -38.30 -49.24 -6.55
CA ALA B 821 -37.09 -49.47 -5.77
C ALA B 821 -36.60 -50.91 -5.94
N ALA B 822 -37.52 -51.86 -6.13
CA ALA B 822 -37.10 -53.23 -6.41
C ALA B 822 -36.30 -53.30 -7.71
N GLU B 823 -36.81 -52.69 -8.78
CA GLU B 823 -36.13 -52.76 -10.07
C GLU B 823 -34.84 -51.94 -10.13
N ARG B 824 -34.66 -50.92 -9.29
CA ARG B 824 -33.52 -50.04 -9.47
C ARG B 824 -32.40 -50.27 -8.47
N VAL B 825 -32.71 -50.65 -7.23
CA VAL B 825 -31.67 -50.87 -6.23
C VAL B 825 -31.97 -52.16 -5.49
N GLY B 826 -32.86 -52.97 -6.03
CA GLY B 826 -33.16 -54.28 -5.46
C GLY B 826 -33.76 -54.23 -4.08
N ALA B 827 -34.62 -53.24 -3.83
CA ALA B 827 -35.23 -53.13 -2.51
C ALA B 827 -36.17 -54.29 -2.25
N VAL B 828 -36.29 -54.68 -1.00
CA VAL B 828 -37.31 -55.63 -0.57
C VAL B 828 -38.20 -54.90 0.43
N LEU B 829 -39.50 -55.09 0.29
CA LEU B 829 -40.45 -54.42 1.19
C LEU B 829 -40.33 -55.04 2.56
N ARG B 830 -40.20 -54.20 3.59
CA ARG B 830 -40.20 -54.75 4.93
C ARG B 830 -41.64 -54.75 5.42
N GLY B 831 -42.27 -53.62 5.26
CA GLY B 831 -43.63 -53.41 5.66
C GLY B 831 -44.01 -51.98 5.50
N TRP B 832 -45.25 -51.66 5.75
CA TRP B 832 -45.69 -50.29 5.64
C TRP B 832 -46.64 -49.92 6.75
N LYS B 833 -46.98 -48.64 6.82
CA LYS B 833 -47.89 -48.16 7.83
C LYS B 833 -48.41 -46.77 7.51
N LEU B 834 -49.22 -46.25 8.42
CA LEU B 834 -49.83 -44.93 8.31
C LEU B 834 -49.50 -44.06 9.51
S SO4 C . 3.36 -2.40 16.40
O1 SO4 C . 3.60 -1.40 17.47
O2 SO4 C . 2.43 -3.43 16.89
O3 SO4 C . 4.63 -3.02 16.00
O4 SO4 C . 2.74 -1.71 15.23
S SO4 D . -11.25 23.37 2.56
O1 SO4 D . -12.00 23.18 3.81
O2 SO4 D . -10.90 24.78 2.40
O3 SO4 D . -10.00 22.61 2.63
O4 SO4 D . -12.06 22.91 1.42
S SO4 E . 15.91 41.32 4.51
O1 SO4 E . 15.39 40.02 4.93
O2 SO4 E . 15.87 42.24 5.64
O3 SO4 E . 17.28 41.17 4.05
O4 SO4 E . 15.14 41.90 3.40
S SO4 F . 12.92 13.39 -0.02
O1 SO4 F . 11.92 12.71 0.82
O2 SO4 F . 12.70 14.84 0.04
O3 SO4 F . 14.27 13.06 0.47
O4 SO4 F . 12.80 12.99 -1.42
S SO4 G . 38.64 0.21 -8.54
O1 SO4 G . 40.08 0.32 -8.32
O2 SO4 G . 37.91 1.14 -7.64
O3 SO4 G . 38.24 -1.18 -8.26
O4 SO4 G . 38.28 0.52 -9.95
S SO4 H . 28.73 11.42 -8.78
O1 SO4 H . 28.15 11.28 -7.43
O2 SO4 H . 28.00 12.58 -9.40
O3 SO4 H . 30.22 11.50 -8.72
O4 SO4 H . 28.48 10.21 -9.58
S SO4 I . 4.38 12.09 -21.31
O1 SO4 I . 3.97 12.13 -19.89
O2 SO4 I . 3.70 13.14 -22.05
O3 SO4 I . 5.84 12.28 -21.43
O4 SO4 I . 4.06 10.78 -21.89
S SO4 J . -20.01 -12.37 -11.84
O1 SO4 J . -19.77 -13.58 -11.03
O2 SO4 J . -19.91 -11.17 -10.99
O3 SO4 J . -18.96 -12.35 -12.87
O4 SO4 J . -21.34 -12.39 -12.48
S SO4 K . -20.72 -22.68 16.26
O1 SO4 K . -20.80 -23.01 17.69
O2 SO4 K . -19.86 -21.49 16.13
O3 SO4 K . -20.19 -23.81 15.43
O4 SO4 K . -22.08 -22.33 15.80
S SO4 L . -0.16 -16.69 16.04
O1 SO4 L . -0.83 -17.49 17.08
O2 SO4 L . 0.41 -15.50 16.67
O3 SO4 L . 0.88 -17.49 15.36
O4 SO4 L . -1.15 -16.30 15.03
S SO4 M . -63.68 -34.91 -3.45
O1 SO4 M . -63.04 -34.14 -2.37
O2 SO4 M . -65.06 -35.20 -3.04
O3 SO4 M . -62.97 -36.18 -3.63
O4 SO4 M . -63.64 -34.14 -4.70
S SO4 N . 2.80 17.85 -12.48
O1 SO4 N . 3.78 18.31 -11.48
O2 SO4 N . 1.93 18.98 -12.83
O3 SO4 N . 2.01 16.73 -11.92
O4 SO4 N . 3.48 17.33 -13.70
#